data_7X0L
#
_entry.id   7X0L
#
_cell.length_a   72.070
_cell.length_b   46.560
_cell.length_c   119.100
_cell.angle_alpha   90.000
_cell.angle_beta   107.870
_cell.angle_gamma   90.000
#
_symmetry.space_group_name_H-M   'P 1 21 1'
#
loop_
_entity.id
_entity.type
_entity.pdbx_description
1 polymer CbpB
2 branched beta-D-glucopyranose-(1-4)-beta-D-glucopyranose-(1-4)-beta-D-glucopyranose-(1-4)-beta-D-glucopyranose
3 water water
#
_entity_poly.entity_id   1
_entity_poly.type   'polypeptide(L)'
_entity_poly.pdbx_seq_one_letter_code
;SVKLTMWIMPNSDTPDQDLLKVVKPFTDANPHITVEPTVVDWSAALTKITAAATSGEAPDITQVGSTWTAAIGAMEGALV
ELTGKIDTSAFVESTLQSAYIKGTDKMFGMPWFTETRALFYRKDACEKAGVNPETDFATWDKFKDALKKLNGIEVDGKKL
AALGMPGKNDWNVVHNFSWWIYGAGGDFVNEEGTQATFSSENALKGIKFYSELAVEGLMDEPSLEKNTSDIESAFGDGAY
ATAFMGPWVISSYTKNKEENGNDLIDKIGVTMVPEGPAGRYAFMGGSNLVIFNSSKNKDEALELLKFFASKEAQVEYSKV
SKMLPVVKAAYEDPYFEDSLMKVFKEQVDKYGKHYASVPGWASAEVIFSEGLSKIWDNVMEVDGAYSYDKTVQIVKDVES
QINQILQETSK
;
_entity_poly.pdbx_strand_id   A,B
#
# COMPACT_ATOMS: atom_id res chain seq x y z
N SER A 1 29.14 10.37 -19.75
CA SER A 1 28.16 9.33 -20.04
C SER A 1 26.77 9.92 -20.19
N VAL A 2 25.81 9.05 -20.50
CA VAL A 2 24.41 9.43 -20.66
C VAL A 2 23.62 8.87 -19.49
N LYS A 3 22.81 9.72 -18.88
CA LYS A 3 21.97 9.35 -17.74
C LYS A 3 20.53 9.41 -18.24
N LEU A 4 19.94 8.25 -18.49
CA LEU A 4 18.55 8.17 -18.92
C LEU A 4 17.64 8.14 -17.72
N THR A 5 16.59 8.96 -17.76
CA THR A 5 15.60 9.03 -16.70
C THR A 5 14.30 8.40 -17.23
N MET A 6 13.61 7.67 -16.37
CA MET A 6 12.39 7.06 -16.74
C MET A 6 11.36 7.05 -15.66
N TRP A 7 10.11 7.26 -16.01
CA TRP A 7 9.02 7.18 -15.07
C TRP A 7 8.33 5.82 -15.22
N ILE A 8 7.94 5.19 -14.11
CA ILE A 8 7.26 3.92 -14.12
C ILE A 8 6.13 4.02 -13.12
N MET A 9 5.03 3.36 -13.37
CA MET A 9 3.95 3.28 -12.41
C MET A 9 4.30 2.09 -11.49
N PRO A 10 3.63 1.97 -10.31
CA PRO A 10 3.97 0.90 -9.36
C PRO A 10 3.59 -0.51 -9.86
N ASN A 11 4.42 -1.11 -10.71
CA ASN A 11 4.10 -2.39 -11.32
C ASN A 11 4.48 -3.59 -10.47
N SER A 12 5.30 -3.41 -9.43
CA SER A 12 5.76 -4.51 -8.62
C SER A 12 5.92 -4.03 -7.19
N ASP A 13 6.29 -4.96 -6.30
CA ASP A 13 6.31 -4.68 -4.87
C ASP A 13 7.23 -3.52 -4.53
N THR A 14 8.45 -3.53 -5.10
CA THR A 14 9.42 -2.45 -4.92
C THR A 14 9.78 -1.94 -6.30
N PRO A 15 9.01 -1.00 -6.87
CA PRO A 15 9.09 -0.77 -8.32
C PRO A 15 10.47 -0.35 -8.83
N ASP A 16 11.12 0.59 -8.15
CA ASP A 16 12.41 1.08 -8.63
C ASP A 16 13.47 -0.01 -8.57
N GLN A 17 13.57 -0.69 -7.43
CA GLN A 17 14.58 -1.74 -7.29
C GLN A 17 14.36 -2.86 -8.29
N ASP A 18 13.10 -3.26 -8.50
CA ASP A 18 12.81 -4.37 -9.41
C ASP A 18 13.14 -3.98 -10.84
N LEU A 19 12.85 -2.74 -11.24
CA LEU A 19 13.23 -2.27 -12.56
C LEU A 19 14.74 -2.27 -12.73
N LEU A 20 15.47 -1.82 -11.70
CA LEU A 20 16.91 -1.75 -11.81
C LEU A 20 17.56 -3.13 -11.92
N LYS A 21 16.98 -4.14 -11.28
CA LYS A 21 17.51 -5.50 -11.43
C LYS A 21 17.28 -6.01 -12.85
N VAL A 22 16.20 -5.59 -13.50
CA VAL A 22 15.94 -6.05 -14.86
C VAL A 22 16.84 -5.35 -15.85
N VAL A 23 17.17 -4.08 -15.61
CA VAL A 23 17.99 -3.35 -16.58
C VAL A 23 19.49 -3.52 -16.34
N LYS A 24 19.88 -4.23 -15.28
CA LYS A 24 21.30 -4.38 -14.99
C LYS A 24 22.08 -5.01 -16.14
N PRO A 25 21.56 -6.03 -16.85
CA PRO A 25 22.30 -6.52 -18.02
C PRO A 25 22.56 -5.43 -19.05
N PHE A 26 21.61 -4.50 -19.23
CA PHE A 26 21.78 -3.44 -20.22
C PHE A 26 22.90 -2.49 -19.81
N THR A 27 22.92 -2.06 -18.54
CA THR A 27 23.93 -1.12 -18.11
C THR A 27 25.30 -1.78 -17.98
N ASP A 28 25.33 -3.09 -17.68
CA ASP A 28 26.60 -3.80 -17.70
C ASP A 28 27.20 -3.78 -19.10
N ALA A 29 26.37 -3.95 -20.13
CA ALA A 29 26.84 -3.97 -21.51
C ALA A 29 27.05 -2.58 -22.08
N ASN A 30 26.53 -1.54 -21.42
CA ASN A 30 26.67 -0.16 -21.88
C ASN A 30 27.09 0.70 -20.69
N PRO A 31 28.36 0.57 -20.26
CA PRO A 31 28.80 1.29 -19.05
C PRO A 31 28.71 2.81 -19.17
N HIS A 32 28.57 3.35 -20.38
CA HIS A 32 28.44 4.78 -20.59
C HIS A 32 26.99 5.24 -20.54
N ILE A 33 26.07 4.35 -20.15
CA ILE A 33 24.66 4.67 -20.00
C ILE A 33 24.23 4.25 -18.61
N THR A 34 23.56 5.14 -17.88
CA THR A 34 22.92 4.80 -16.62
C THR A 34 21.43 5.06 -16.75
N VAL A 35 20.65 4.35 -15.92
CA VAL A 35 19.20 4.44 -15.95
C VAL A 35 18.72 4.77 -14.54
N GLU A 36 17.90 5.82 -14.43
CA GLU A 36 17.40 6.27 -13.13
C GLU A 36 15.88 6.28 -13.14
N PRO A 37 15.24 5.25 -12.60
CA PRO A 37 13.77 5.23 -12.59
C PRO A 37 13.18 6.02 -11.44
N THR A 38 12.01 6.60 -11.72
CA THR A 38 11.21 7.33 -10.75
C THR A 38 9.79 6.79 -10.79
N VAL A 39 9.20 6.55 -9.64
CA VAL A 39 7.85 6.00 -9.56
C VAL A 39 6.84 7.13 -9.55
N VAL A 40 5.77 6.95 -10.32
CA VAL A 40 4.62 7.86 -10.33
C VAL A 40 3.37 7.02 -10.09
N ASP A 41 2.62 7.34 -9.04
CA ASP A 41 1.44 6.55 -8.71
C ASP A 41 0.37 6.70 -9.80
N TRP A 42 -0.49 5.69 -9.90
CA TRP A 42 -1.45 5.63 -11.00
C TRP A 42 -2.39 6.84 -10.98
N SER A 43 -2.86 7.24 -9.80
CA SER A 43 -3.87 8.29 -9.74
C SER A 43 -3.35 9.60 -10.33
N ALA A 44 -2.06 9.90 -10.17
CA ALA A 44 -1.51 11.14 -10.66
C ALA A 44 -0.85 11.02 -12.03
N ALA A 45 -0.70 9.81 -12.56
CA ALA A 45 0.17 9.59 -13.71
C ALA A 45 -0.33 10.32 -14.95
N LEU A 46 -1.64 10.30 -15.21
CA LEU A 46 -2.14 10.94 -16.41
C LEU A 46 -1.87 12.44 -16.37
N THR A 47 -2.13 13.09 -15.24
CA THR A 47 -1.89 14.52 -15.10
C THR A 47 -0.40 14.83 -15.25
N LYS A 48 0.46 14.03 -14.62
CA LYS A 48 1.89 14.33 -14.66
C LYS A 48 2.47 14.09 -16.05
N ILE A 49 2.04 13.02 -16.71
CA ILE A 49 2.53 12.76 -18.06
C ILE A 49 2.06 13.83 -19.03
N THR A 50 0.79 14.24 -18.93
CA THR A 50 0.29 15.30 -19.80
C THR A 50 1.06 16.60 -19.57
N ALA A 51 1.29 16.95 -18.30
CA ALA A 51 2.00 18.19 -18.00
C ALA A 51 3.45 18.13 -18.48
N ALA A 52 4.09 16.96 -18.34
CA ALA A 52 5.47 16.83 -18.81
C ALA A 52 5.56 16.93 -20.32
N ALA A 53 4.53 16.45 -21.03
CA ALA A 53 4.54 16.52 -22.49
C ALA A 53 4.42 17.96 -22.98
N THR A 54 3.75 18.81 -22.22
CA THR A 54 3.57 20.20 -22.60
C THR A 54 4.71 21.08 -22.12
N SER A 55 5.16 20.90 -20.87
CA SER A 55 6.09 21.83 -20.26
C SER A 55 7.53 21.55 -20.65
N GLY A 56 7.86 20.31 -21.01
CA GLY A 56 9.24 19.94 -21.23
C GLY A 56 10.01 19.60 -19.98
N GLU A 57 9.42 19.73 -18.80
CA GLU A 57 10.02 19.22 -17.57
C GLU A 57 9.66 17.75 -17.51
N ALA A 58 10.47 16.92 -18.17
CA ALA A 58 10.07 15.56 -18.47
C ALA A 58 11.27 14.63 -18.39
N PRO A 59 11.05 13.35 -18.07
CA PRO A 59 12.11 12.36 -18.24
C PRO A 59 12.32 12.03 -19.70
N ASP A 60 13.34 11.21 -19.96
CA ASP A 60 13.55 10.72 -21.32
C ASP A 60 12.42 9.79 -21.74
N ILE A 61 11.97 8.96 -20.82
CA ILE A 61 11.07 7.84 -21.11
C ILE A 61 10.01 7.78 -20.03
N THR A 62 8.82 7.35 -20.40
CA THR A 62 7.82 7.06 -19.39
C THR A 62 6.96 5.88 -19.80
N GLN A 63 6.61 5.07 -18.81
CA GLN A 63 5.51 4.14 -18.94
C GLN A 63 4.21 4.91 -19.12
N VAL A 64 3.34 4.41 -19.99
CA VAL A 64 2.03 4.99 -20.22
CA VAL A 64 2.03 4.99 -20.24
C VAL A 64 1.02 3.85 -20.31
N GLY A 65 -0.08 3.99 -19.56
CA GLY A 65 -1.14 3.01 -19.66
C GLY A 65 -1.52 2.83 -21.11
N SER A 66 -1.79 1.60 -21.55
CA SER A 66 -2.08 1.36 -22.95
C SER A 66 -3.28 2.18 -23.42
N THR A 67 -4.26 2.40 -22.55
CA THR A 67 -5.46 3.14 -22.96
C THR A 67 -5.21 4.63 -23.05
N TRP A 68 -4.03 5.11 -22.66
CA TRP A 68 -3.70 6.53 -22.70
C TRP A 68 -2.73 6.90 -23.82
N THR A 69 -2.15 5.91 -24.51
CA THR A 69 -1.05 6.20 -25.42
C THR A 69 -1.47 7.15 -26.55
N ALA A 70 -2.66 6.94 -27.10
CA ALA A 70 -3.13 7.80 -28.19
C ALA A 70 -3.37 9.22 -27.70
N ALA A 71 -3.82 9.38 -26.46
CA ALA A 71 -4.02 10.71 -25.89
C ALA A 71 -2.70 11.49 -25.87
N ILE A 72 -1.61 10.83 -25.46
CA ILE A 72 -0.34 11.54 -25.37
C ILE A 72 0.27 11.70 -26.75
N GLY A 73 0.24 10.64 -27.58
CA GLY A 73 0.83 10.73 -28.89
C GLY A 73 0.17 11.76 -29.78
N ALA A 74 -1.12 12.01 -29.57
CA ALA A 74 -1.84 12.98 -30.39
C ALA A 74 -1.49 14.42 -30.03
N MET A 75 -0.85 14.66 -28.89
CA MET A 75 -0.39 15.99 -28.55
C MET A 75 0.77 16.39 -29.46
N GLU A 76 0.63 17.49 -30.18
CA GLU A 76 1.64 17.87 -31.16
C GLU A 76 3.00 17.99 -30.48
N GLY A 77 3.99 17.30 -31.06
CA GLY A 77 5.35 17.40 -30.58
C GLY A 77 5.63 16.80 -29.23
N ALA A 78 4.71 15.97 -28.71
CA ALA A 78 4.89 15.44 -27.37
C ALA A 78 5.83 14.24 -27.36
N LEU A 79 5.66 13.31 -28.29
CA LEU A 79 6.37 12.05 -28.25
C LEU A 79 7.15 11.81 -29.53
N VAL A 80 8.22 11.02 -29.43
CA VAL A 80 8.94 10.57 -30.61
C VAL A 80 8.10 9.54 -31.34
N GLU A 81 7.87 9.77 -32.63
CA GLU A 81 7.23 8.76 -33.46
C GLU A 81 8.16 7.58 -33.63
N LEU A 82 7.69 6.37 -33.31
CA LEU A 82 8.52 5.18 -33.34
C LEU A 82 8.30 4.34 -34.59
N THR A 83 7.39 4.74 -35.47
CA THR A 83 7.10 3.97 -36.67
C THR A 83 8.37 3.71 -37.46
N GLY A 84 8.61 2.44 -37.75
CA GLY A 84 9.78 2.04 -38.51
C GLY A 84 11.07 2.04 -37.72
N LYS A 85 11.04 2.37 -36.44
CA LYS A 85 12.23 2.35 -35.60
C LYS A 85 12.30 1.12 -34.71
N ILE A 86 11.23 0.33 -34.65
CA ILE A 86 11.18 -0.86 -33.81
C ILE A 86 10.72 -2.03 -34.68
N ASP A 87 11.41 -3.16 -34.57
CA ASP A 87 11.03 -4.38 -35.27
C ASP A 87 9.77 -4.94 -34.62
N THR A 88 8.62 -4.65 -35.22
CA THR A 88 7.36 -5.08 -34.63
C THR A 88 7.07 -6.57 -34.83
N SER A 89 7.91 -7.28 -35.61
CA SER A 89 7.63 -8.68 -35.89
C SER A 89 7.80 -9.57 -34.67
N ALA A 90 8.53 -9.11 -33.65
CA ALA A 90 8.73 -9.90 -32.44
C ALA A 90 7.56 -9.82 -31.48
N PHE A 91 6.63 -8.89 -31.69
CA PHE A 91 5.56 -8.65 -30.73
C PHE A 91 4.33 -9.49 -31.04
N VAL A 92 3.61 -9.86 -29.97
CA VAL A 92 2.25 -10.35 -30.13
C VAL A 92 1.44 -9.25 -30.80
N GLU A 93 0.91 -9.54 -31.99
CA GLU A 93 0.37 -8.50 -32.84
C GLU A 93 -0.74 -7.71 -32.14
N SER A 94 -1.57 -8.40 -31.34
CA SER A 94 -2.72 -7.72 -30.74
C SER A 94 -2.29 -6.61 -29.79
N THR A 95 -1.08 -6.70 -29.23
CA THR A 95 -0.64 -5.67 -28.29
C THR A 95 -0.23 -4.39 -29.00
N LEU A 96 -0.12 -4.39 -30.33
CA LEU A 96 0.32 -3.21 -31.04
C LEU A 96 -0.80 -2.21 -31.27
N GLN A 97 -2.05 -2.62 -31.18
CA GLN A 97 -3.15 -1.72 -31.54
C GLN A 97 -3.14 -0.48 -30.65
N SER A 98 -2.83 -0.64 -29.36
CA SER A 98 -2.82 0.51 -28.45
C SER A 98 -1.58 1.37 -28.64
N ALA A 99 -0.57 0.89 -29.36
CA ALA A 99 0.64 1.68 -29.62
C ALA A 99 0.44 2.67 -30.76
N TYR A 100 -0.58 2.45 -31.59
CA TYR A 100 -0.91 3.33 -32.71
C TYR A 100 -2.10 4.20 -32.34
N ILE A 101 -2.19 5.36 -32.98
CA ILE A 101 -3.38 6.20 -32.90
C ILE A 101 -4.38 5.68 -33.93
N LYS A 102 -5.56 5.28 -33.46
CA LYS A 102 -6.62 4.81 -34.36
C LYS A 102 -6.88 5.85 -35.44
N GLY A 103 -7.06 5.38 -36.67
CA GLY A 103 -7.25 6.25 -37.81
C GLY A 103 -5.97 6.71 -38.47
N THR A 104 -4.81 6.35 -37.93
CA THR A 104 -3.53 6.69 -38.50
C THR A 104 -2.64 5.46 -38.53
N ASP A 105 -1.52 5.57 -39.25
CA ASP A 105 -0.48 4.56 -39.22
C ASP A 105 0.74 5.04 -38.42
N LYS A 106 0.49 5.86 -37.39
CA LYS A 106 1.56 6.44 -36.58
C LYS A 106 1.66 5.66 -35.28
N MET A 107 2.86 5.13 -35.01
CA MET A 107 3.15 4.43 -33.76
C MET A 107 3.92 5.37 -32.84
N PHE A 108 3.37 5.62 -31.64
CA PHE A 108 4.00 6.50 -30.69
C PHE A 108 4.41 5.83 -29.39
N GLY A 109 4.07 4.55 -29.20
CA GLY A 109 4.50 3.81 -28.04
C GLY A 109 5.01 2.44 -28.44
N MET A 110 5.79 1.85 -27.53
CA MET A 110 6.22 0.47 -27.69
C MET A 110 5.52 -0.38 -26.65
N PRO A 111 4.80 -1.43 -27.02
CA PRO A 111 4.20 -2.31 -26.01
C PRO A 111 5.27 -2.83 -25.05
N TRP A 112 4.95 -2.82 -23.76
CA TRP A 112 5.87 -3.29 -22.73
C TRP A 112 5.35 -4.53 -22.04
N PHE A 113 4.15 -4.49 -21.47
CA PHE A 113 3.50 -5.66 -20.91
C PHE A 113 2.00 -5.52 -21.07
N THR A 114 1.31 -6.64 -20.92
CA THR A 114 -0.15 -6.68 -21.03
C THR A 114 -0.71 -7.32 -19.78
N GLU A 115 -2.00 -7.17 -19.60
CA GLU A 115 -2.66 -7.74 -18.48
C GLU A 115 -4.15 -7.92 -18.75
N THR A 116 -4.80 -8.80 -18.03
CA THR A 116 -6.24 -9.02 -18.09
C THR A 116 -6.71 -9.34 -16.68
N ARG A 117 -8.03 -9.32 -16.49
CA ARG A 117 -8.64 -9.61 -15.20
C ARG A 117 -9.32 -10.97 -15.28
N ALA A 118 -8.97 -11.86 -14.36
CA ALA A 118 -9.49 -13.22 -14.33
C ALA A 118 -10.25 -13.44 -13.04
N LEU A 119 -10.94 -14.58 -12.96
CA LEU A 119 -11.80 -14.90 -11.83
C LEU A 119 -11.04 -15.75 -10.83
N PHE A 120 -10.67 -15.15 -9.70
CA PHE A 120 -10.09 -15.90 -8.59
C PHE A 120 -11.19 -16.51 -7.74
N TYR A 121 -10.95 -17.72 -7.24
CA TYR A 121 -11.92 -18.39 -6.39
C TYR A 121 -11.21 -19.14 -5.26
N ARG A 122 -11.92 -19.28 -4.15
CA ARG A 122 -11.45 -20.06 -3.01
C ARG A 122 -11.84 -21.52 -3.22
N LYS A 123 -10.85 -22.40 -3.32
CA LYS A 123 -11.12 -23.82 -3.53
C LYS A 123 -11.84 -24.41 -2.32
N ASP A 124 -11.47 -24.01 -1.11
CA ASP A 124 -12.11 -24.57 0.07
C ASP A 124 -13.56 -24.12 0.18
N ALA A 125 -13.84 -22.86 -0.18
CA ALA A 125 -15.23 -22.40 -0.17
C ALA A 125 -16.07 -23.18 -1.18
N CYS A 126 -15.53 -23.39 -2.39
CA CYS A 126 -16.31 -24.06 -3.43
C CYS A 126 -16.66 -25.49 -3.03
N GLU A 127 -15.71 -26.22 -2.44
CA GLU A 127 -16.00 -27.59 -2.02
C GLU A 127 -17.08 -27.63 -0.96
N LYS A 128 -16.96 -26.77 0.07
CA LYS A 128 -17.97 -26.73 1.12
C LYS A 128 -19.33 -26.36 0.57
N ALA A 129 -19.39 -25.63 -0.54
CA ALA A 129 -20.64 -25.15 -1.09
C ALA A 129 -21.17 -26.06 -2.19
N GLY A 130 -20.44 -27.10 -2.57
CA GLY A 130 -20.88 -27.96 -3.65
C GLY A 130 -20.71 -27.33 -5.02
N VAL A 131 -19.74 -26.45 -5.18
CA VAL A 131 -19.48 -25.75 -6.43
C VAL A 131 -18.24 -26.36 -7.08
N ASN A 132 -18.38 -26.76 -8.34
CA ASN A 132 -17.25 -27.27 -9.12
C ASN A 132 -16.69 -26.13 -9.96
N PRO A 133 -15.60 -25.48 -9.52
CA PRO A 133 -15.10 -24.31 -10.26
C PRO A 133 -14.62 -24.64 -11.67
N GLU A 134 -14.56 -25.91 -12.05
CA GLU A 134 -14.16 -26.26 -13.40
C GLU A 134 -15.28 -26.08 -14.41
N THR A 135 -16.53 -26.03 -13.95
CA THR A 135 -17.66 -25.96 -14.86
C THR A 135 -18.70 -24.93 -14.44
N ASP A 136 -18.78 -24.63 -13.15
CA ASP A 136 -19.88 -23.83 -12.61
C ASP A 136 -19.67 -22.32 -12.77
N PHE A 137 -18.53 -21.90 -13.29
CA PHE A 137 -18.29 -20.49 -13.59
C PHE A 137 -18.29 -20.22 -15.09
N ALA A 138 -18.67 -21.20 -15.91
CA ALA A 138 -18.41 -21.11 -17.34
C ALA A 138 -19.27 -20.08 -18.04
N THR A 139 -20.47 -19.82 -17.53
CA THR A 139 -21.40 -18.89 -18.16
C THR A 139 -21.94 -17.94 -17.12
N TRP A 140 -22.56 -16.84 -17.59
CA TRP A 140 -23.16 -15.89 -16.67
C TRP A 140 -24.16 -16.57 -15.74
N ASP A 141 -25.04 -17.40 -16.31
CA ASP A 141 -26.10 -17.99 -15.51
C ASP A 141 -25.56 -19.02 -14.51
N LYS A 142 -24.62 -19.86 -14.94
CA LYS A 142 -23.99 -20.78 -13.99
C LYS A 142 -23.19 -20.01 -12.94
N PHE A 143 -22.52 -18.93 -13.34
CA PHE A 143 -21.76 -18.12 -12.40
C PHE A 143 -22.66 -17.55 -11.31
N LYS A 144 -23.78 -16.94 -11.70
CA LYS A 144 -24.68 -16.36 -10.71
C LYS A 144 -25.28 -17.42 -9.80
N ASP A 145 -25.57 -18.60 -10.36
CA ASP A 145 -26.08 -19.70 -9.54
C ASP A 145 -25.03 -20.19 -8.55
N ALA A 146 -23.76 -20.19 -8.97
CA ALA A 146 -22.69 -20.55 -8.04
C ALA A 146 -22.58 -19.53 -6.91
N LEU A 147 -22.74 -18.24 -7.23
CA LEU A 147 -22.64 -17.22 -6.20
C LEU A 147 -23.73 -17.40 -5.14
N LYS A 148 -24.92 -17.85 -5.53
CA LYS A 148 -25.98 -18.09 -4.57
C LYS A 148 -25.59 -19.20 -3.60
N LYS A 149 -24.94 -20.25 -4.10
CA LYS A 149 -24.47 -21.30 -3.21
C LYS A 149 -23.35 -20.80 -2.32
N LEU A 150 -22.54 -19.87 -2.82
CA LEU A 150 -21.35 -19.44 -2.09
C LEU A 150 -21.64 -18.34 -1.07
N ASN A 151 -22.74 -17.63 -1.20
CA ASN A 151 -22.94 -16.44 -0.38
C ASN A 151 -23.27 -16.83 1.05
N GLY A 152 -22.48 -16.33 2.00
CA GLY A 152 -22.65 -16.68 3.39
C GLY A 152 -22.06 -18.01 3.78
N ILE A 153 -21.25 -18.62 2.91
CA ILE A 153 -20.64 -19.90 3.22
C ILE A 153 -19.63 -19.72 4.35
N GLU A 154 -19.64 -20.63 5.31
CA GLU A 154 -18.72 -20.58 6.43
C GLU A 154 -17.50 -21.44 6.12
N VAL A 155 -16.32 -20.87 6.29
CA VAL A 155 -15.06 -21.55 6.01
C VAL A 155 -14.14 -21.28 7.20
N ASP A 156 -14.10 -22.22 8.14
CA ASP A 156 -13.26 -22.10 9.34
C ASP A 156 -13.67 -20.89 10.18
N GLY A 157 -14.97 -20.78 10.43
CA GLY A 157 -15.53 -19.71 11.25
C GLY A 157 -15.94 -18.48 10.49
N LYS A 158 -15.19 -18.13 9.44
CA LYS A 158 -15.47 -16.93 8.67
C LYS A 158 -16.62 -17.17 7.71
N LYS A 159 -17.61 -16.28 7.73
CA LYS A 159 -18.67 -16.25 6.73
C LYS A 159 -18.19 -15.39 5.56
N LEU A 160 -18.20 -15.94 4.36
CA LEU A 160 -17.67 -15.26 3.18
C LEU A 160 -18.79 -14.66 2.36
N ALA A 161 -18.53 -13.47 1.79
CA ALA A 161 -19.36 -12.94 0.73
C ALA A 161 -19.01 -13.65 -0.58
N ALA A 162 -20.02 -13.86 -1.42
CA ALA A 162 -19.80 -14.65 -2.64
C ALA A 162 -18.77 -13.99 -3.54
N LEU A 163 -18.95 -12.70 -3.82
CA LEU A 163 -18.10 -11.97 -4.75
C LEU A 163 -17.73 -10.63 -4.13
N GLY A 164 -16.45 -10.27 -4.24
CA GLY A 164 -15.99 -9.00 -3.74
C GLY A 164 -15.33 -8.17 -4.83
N MET A 165 -15.83 -6.95 -5.05
CA MET A 165 -15.30 -6.10 -6.10
C MET A 165 -15.29 -4.65 -5.63
N PRO A 166 -14.30 -3.88 -6.08
CA PRO A 166 -14.27 -2.45 -5.74
C PRO A 166 -15.26 -1.66 -6.58
N GLY A 167 -15.52 -0.44 -6.14
CA GLY A 167 -16.50 0.38 -6.82
C GLY A 167 -16.09 1.80 -7.14
N LYS A 168 -15.00 2.29 -6.54
CA LYS A 168 -14.74 3.72 -6.64
C LYS A 168 -13.24 4.03 -6.62
N ASN A 169 -12.94 5.24 -7.09
CA ASN A 169 -11.71 5.95 -6.75
C ASN A 169 -10.46 5.36 -7.39
N ASP A 170 -10.56 4.86 -8.61
CA ASP A 170 -9.38 4.54 -9.40
C ASP A 170 -9.84 4.29 -10.84
N TRP A 171 -8.86 4.00 -11.70
CA TRP A 171 -9.14 3.83 -13.12
C TRP A 171 -9.88 2.54 -13.42
N ASN A 172 -9.95 1.61 -12.47
CA ASN A 172 -10.53 0.30 -12.76
C ASN A 172 -12.05 0.30 -12.76
N VAL A 173 -12.69 1.42 -12.39
CA VAL A 173 -14.14 1.48 -12.40
C VAL A 173 -14.67 1.09 -13.77
N VAL A 174 -14.11 1.69 -14.83
CA VAL A 174 -14.57 1.36 -16.17
C VAL A 174 -14.06 -0.01 -16.58
N HIS A 175 -12.80 -0.33 -16.24
CA HIS A 175 -12.23 -1.62 -16.64
C HIS A 175 -13.08 -2.78 -16.13
N ASN A 176 -13.66 -2.64 -14.93
CA ASN A 176 -14.42 -3.73 -14.33
C ASN A 176 -15.82 -3.86 -14.91
N PHE A 177 -16.34 -2.83 -15.57
CA PHE A 177 -17.58 -2.98 -16.33
C PHE A 177 -17.35 -3.52 -17.74
N SER A 178 -16.12 -3.41 -18.25
CA SER A 178 -15.87 -3.54 -19.67
C SER A 178 -16.34 -4.88 -20.22
N TRP A 179 -15.85 -5.98 -19.65
CA TRP A 179 -16.15 -7.29 -20.22
C TRP A 179 -17.60 -7.72 -19.94
N TRP A 180 -18.28 -7.09 -18.98
CA TRP A 180 -19.71 -7.32 -18.84
C TRP A 180 -20.47 -6.67 -19.99
N ILE A 181 -20.04 -5.48 -20.41
CA ILE A 181 -20.64 -4.82 -21.57
C ILE A 181 -20.36 -5.62 -22.83
N TYR A 182 -19.10 -6.02 -23.03
CA TYR A 182 -18.76 -6.82 -24.20
C TYR A 182 -19.55 -8.13 -24.23
N GLY A 183 -19.61 -8.81 -23.08
CA GLY A 183 -20.26 -10.12 -23.04
C GLY A 183 -21.74 -10.05 -23.29
N ALA A 184 -22.37 -8.91 -22.98
CA ALA A 184 -23.77 -8.70 -23.28
C ALA A 184 -24.02 -8.39 -24.74
N GLY A 185 -22.98 -8.05 -25.49
CA GLY A 185 -23.13 -7.65 -26.88
C GLY A 185 -23.09 -6.16 -27.11
N GLY A 186 -22.46 -5.39 -26.21
CA GLY A 186 -22.32 -3.96 -26.37
C GLY A 186 -20.86 -3.57 -26.55
N ASP A 187 -20.65 -2.26 -26.66
CA ASP A 187 -19.33 -1.69 -26.81
C ASP A 187 -19.40 -0.24 -26.36
N PHE A 188 -18.24 0.38 -26.19
CA PHE A 188 -18.19 1.75 -25.69
C PHE A 188 -18.31 2.78 -26.79
N VAL A 189 -17.79 2.51 -27.98
CA VAL A 189 -17.81 3.45 -29.09
C VAL A 189 -18.15 2.67 -30.36
N ASN A 190 -18.48 3.41 -31.42
CA ASN A 190 -18.68 2.81 -32.72
C ASN A 190 -17.33 2.38 -33.31
N GLU A 191 -17.41 1.72 -34.47
CA GLU A 191 -16.20 1.18 -35.10
C GLU A 191 -15.17 2.27 -35.38
N GLU A 192 -15.62 3.49 -35.66
CA GLU A 192 -14.71 4.58 -35.95
C GLU A 192 -14.10 5.19 -34.70
N GLY A 193 -14.65 4.91 -33.53
CA GLY A 193 -14.15 5.51 -32.31
C GLY A 193 -14.55 6.96 -32.13
N THR A 194 -15.63 7.39 -32.78
CA THR A 194 -16.03 8.79 -32.81
C THR A 194 -17.33 9.08 -32.07
N GLN A 195 -18.03 8.05 -31.59
CA GLN A 195 -19.35 8.21 -31.00
C GLN A 195 -19.50 7.15 -29.92
N ALA A 196 -19.95 7.57 -28.73
CA ALA A 196 -20.15 6.65 -27.63
C ALA A 196 -21.46 5.90 -27.80
N THR A 197 -21.45 4.61 -27.48
CA THR A 197 -22.60 3.75 -27.72
C THR A 197 -22.90 2.83 -26.55
N PHE A 198 -22.37 3.11 -25.36
CA PHE A 198 -22.58 2.19 -24.25
C PHE A 198 -23.91 2.42 -23.53
N SER A 199 -24.81 3.23 -24.10
CA SER A 199 -26.19 3.26 -23.65
C SER A 199 -27.09 2.40 -24.52
N SER A 200 -26.51 1.55 -25.37
CA SER A 200 -27.31 0.64 -26.17
C SER A 200 -28.04 -0.37 -25.27
N GLU A 201 -29.06 -1.01 -25.84
CA GLU A 201 -29.81 -2.02 -25.10
C GLU A 201 -28.88 -3.11 -24.57
N ASN A 202 -27.95 -3.58 -25.41
CA ASN A 202 -27.06 -4.66 -24.98
C ASN A 202 -26.11 -4.19 -23.89
N ALA A 203 -25.49 -3.01 -24.07
CA ALA A 203 -24.55 -2.52 -23.05
C ALA A 203 -25.24 -2.36 -21.72
N LEU A 204 -26.47 -1.83 -21.72
CA LEU A 204 -27.22 -1.70 -20.48
C LEU A 204 -27.55 -3.05 -19.86
N LYS A 205 -27.76 -4.07 -20.69
CA LYS A 205 -28.03 -5.41 -20.16
C LYS A 205 -26.82 -5.94 -19.40
N GLY A 206 -25.62 -5.67 -19.88
CA GLY A 206 -24.43 -6.08 -19.16
C GLY A 206 -24.26 -5.30 -17.86
N ILE A 207 -24.44 -3.98 -17.94
CA ILE A 207 -24.36 -3.15 -16.74
C ILE A 207 -25.39 -3.59 -15.71
N LYS A 208 -26.59 -3.91 -16.17
CA LYS A 208 -27.67 -4.32 -15.27
C LYS A 208 -27.36 -5.67 -14.62
N PHE A 209 -26.93 -6.64 -15.42
CA PHE A 209 -26.64 -7.96 -14.88
C PHE A 209 -25.57 -7.86 -13.80
N TYR A 210 -24.50 -7.11 -14.07
CA TYR A 210 -23.39 -7.03 -13.13
C TYR A 210 -23.80 -6.27 -11.87
N SER A 211 -24.33 -5.05 -12.03
CA SER A 211 -24.62 -4.22 -10.87
C SER A 211 -25.68 -4.86 -9.98
N GLU A 212 -26.60 -5.63 -10.55
CA GLU A 212 -27.68 -6.20 -9.75
C GLU A 212 -27.28 -7.51 -9.07
N LEU A 213 -26.08 -8.03 -9.33
CA LEU A 213 -25.53 -9.05 -8.45
C LEU A 213 -25.41 -8.52 -7.03
N ALA A 214 -25.09 -7.22 -6.87
CA ALA A 214 -25.03 -6.58 -5.57
C ALA A 214 -26.42 -6.31 -4.99
N VAL A 215 -27.35 -5.89 -5.85
CA VAL A 215 -28.73 -5.66 -5.39
C VAL A 215 -29.32 -6.95 -4.82
N GLU A 216 -28.93 -8.09 -5.37
CA GLU A 216 -29.44 -9.38 -4.92
C GLU A 216 -28.61 -9.99 -3.80
N GLY A 217 -27.69 -9.22 -3.22
CA GLY A 217 -26.94 -9.67 -2.06
C GLY A 217 -25.81 -10.63 -2.34
N LEU A 218 -25.42 -10.80 -3.60
CA LEU A 218 -24.36 -11.74 -3.95
C LEU A 218 -22.98 -11.08 -3.98
N MET A 219 -22.91 -9.78 -4.21
CA MET A 219 -21.67 -9.01 -4.21
C MET A 219 -21.66 -8.16 -2.95
N ASP A 220 -20.56 -8.19 -2.21
CA ASP A 220 -20.47 -7.51 -0.94
C ASP A 220 -20.57 -6.00 -1.14
N GLU A 221 -21.59 -5.40 -0.53
CA GLU A 221 -21.91 -3.99 -0.77
C GLU A 221 -20.94 -3.04 -0.08
N PRO A 222 -20.56 -3.28 1.17
CA PRO A 222 -19.54 -2.41 1.78
C PRO A 222 -18.29 -2.26 0.95
N SER A 223 -17.90 -3.30 0.19
CA SER A 223 -16.69 -3.24 -0.61
C SER A 223 -16.85 -2.32 -1.82
N LEU A 224 -18.08 -2.03 -2.24
CA LEU A 224 -18.29 -1.14 -3.38
C LEU A 224 -17.92 0.30 -3.07
N GLU A 225 -17.70 0.63 -1.80
CA GLU A 225 -17.19 1.96 -1.42
C GLU A 225 -15.67 2.04 -1.50
N LYS A 226 -15.01 0.93 -1.80
CA LYS A 226 -13.58 0.88 -1.76
C LYS A 226 -12.94 0.78 -3.13
N ASN A 227 -11.62 0.95 -3.18
CA ASN A 227 -10.89 0.88 -4.43
C ASN A 227 -10.26 -0.50 -4.59
N THR A 228 -9.56 -0.69 -5.70
CA THR A 228 -9.03 -2.01 -6.04
C THR A 228 -8.06 -2.50 -4.97
N SER A 229 -7.15 -1.63 -4.53
CA SER A 229 -6.17 -2.02 -3.53
C SER A 229 -6.85 -2.60 -2.29
N ASP A 230 -7.93 -1.95 -1.82
CA ASP A 230 -8.60 -2.43 -0.62
C ASP A 230 -9.21 -3.81 -0.83
N ILE A 231 -9.77 -4.08 -2.00
CA ILE A 231 -10.48 -5.35 -2.23
C ILE A 231 -9.48 -6.46 -2.50
N GLU A 232 -8.38 -6.16 -3.18
CA GLU A 232 -7.33 -7.16 -3.35
C GLU A 232 -6.81 -7.62 -1.99
N SER A 233 -6.56 -6.67 -1.08
CA SER A 233 -6.07 -7.02 0.24
C SER A 233 -7.11 -7.81 1.03
N ALA A 234 -8.39 -7.46 0.88
CA ALA A 234 -9.44 -8.17 1.60
C ALA A 234 -9.56 -9.60 1.12
N PHE A 235 -9.49 -9.83 -0.20
CA PHE A 235 -9.50 -11.20 -0.70
C PHE A 235 -8.31 -11.98 -0.15
N GLY A 236 -7.15 -11.35 -0.08
CA GLY A 236 -5.96 -11.98 0.49
C GLY A 236 -6.11 -12.32 1.95
N ASP A 237 -7.07 -11.69 2.64
CA ASP A 237 -7.35 -12.01 4.04
C ASP A 237 -8.47 -13.02 4.19
N GLY A 238 -9.01 -13.53 3.09
CA GLY A 238 -10.04 -14.55 3.16
C GLY A 238 -11.45 -14.02 3.32
N ALA A 239 -11.74 -12.84 2.78
CA ALA A 239 -13.04 -12.21 2.99
C ALA A 239 -14.08 -12.63 1.96
N TYR A 240 -13.65 -13.09 0.79
CA TYR A 240 -14.59 -13.39 -0.28
C TYR A 240 -14.28 -14.76 -0.89
N ALA A 241 -15.33 -15.39 -1.46
CA ALA A 241 -15.13 -16.63 -2.17
C ALA A 241 -14.54 -16.41 -3.57
N THR A 242 -14.90 -15.31 -4.22
CA THR A 242 -14.41 -15.04 -5.56
C THR A 242 -14.18 -13.54 -5.75
N ALA A 243 -13.37 -13.20 -6.75
CA ALA A 243 -13.08 -11.82 -7.10
C ALA A 243 -12.40 -11.80 -8.45
N PHE A 244 -12.66 -10.74 -9.22
CA PHE A 244 -12.02 -10.51 -10.52
C PHE A 244 -10.81 -9.61 -10.30
N MET A 245 -9.62 -10.11 -10.62
CA MET A 245 -8.39 -9.36 -10.32
C MET A 245 -7.35 -9.62 -11.40
N GLY A 246 -6.36 -8.73 -11.46
CA GLY A 246 -5.23 -8.90 -12.33
C GLY A 246 -4.21 -9.83 -11.72
N PRO A 247 -3.22 -10.21 -12.54
CA PRO A 247 -2.24 -11.22 -12.09
C PRO A 247 -1.28 -10.71 -11.05
N TRP A 248 -1.11 -9.39 -10.91
CA TRP A 248 -0.14 -8.87 -9.95
C TRP A 248 -0.48 -9.27 -8.52
N VAL A 249 -1.74 -9.64 -8.24
CA VAL A 249 -2.08 -10.00 -6.86
C VAL A 249 -1.35 -11.26 -6.42
N ILE A 250 -0.90 -12.10 -7.36
CA ILE A 250 -0.17 -13.31 -6.97
C ILE A 250 1.10 -12.93 -6.22
N SER A 251 1.72 -11.81 -6.58
CA SER A 251 2.94 -11.38 -5.90
C SER A 251 2.66 -11.08 -4.43
N SER A 252 1.63 -10.30 -4.15
CA SER A 252 1.35 -9.92 -2.78
C SER A 252 0.87 -11.10 -1.95
N TYR A 253 0.05 -11.97 -2.53
CA TYR A 253 -0.41 -13.15 -1.79
C TYR A 253 0.76 -14.09 -1.51
N THR A 254 1.70 -14.20 -2.44
CA THR A 254 2.90 -15.00 -2.19
C THR A 254 3.72 -14.41 -1.06
N LYS A 255 3.96 -13.09 -1.12
CA LYS A 255 4.68 -12.43 -0.03
C LYS A 255 3.97 -12.64 1.30
N ASN A 256 2.63 -12.57 1.30
CA ASN A 256 1.89 -12.75 2.55
C ASN A 256 2.18 -14.11 3.17
N LYS A 257 2.30 -15.15 2.34
CA LYS A 257 2.70 -16.45 2.88
C LYS A 257 4.12 -16.42 3.42
N GLU A 258 5.05 -15.87 2.64
CA GLU A 258 6.46 -15.92 3.03
C GLU A 258 6.74 -15.07 4.27
N GLU A 259 6.02 -13.96 4.44
CA GLU A 259 6.32 -13.02 5.51
C GLU A 259 5.40 -13.15 6.71
N ASN A 260 4.14 -13.52 6.51
CA ASN A 260 3.14 -13.50 7.57
C ASN A 260 2.50 -14.85 7.84
N GLY A 261 2.89 -15.90 7.13
CA GLY A 261 2.28 -17.20 7.33
C GLY A 261 0.88 -17.36 6.77
N ASN A 262 0.42 -16.40 5.98
CA ASN A 262 -0.91 -16.45 5.39
C ASN A 262 -0.89 -17.36 4.17
N ASP A 263 -1.62 -18.48 4.24
CA ASP A 263 -1.60 -19.48 3.20
C ASP A 263 -2.78 -19.37 2.23
N LEU A 264 -3.40 -18.20 2.13
CA LEU A 264 -4.47 -18.00 1.17
C LEU A 264 -4.03 -18.37 -0.24
N ILE A 265 -2.77 -18.09 -0.58
CA ILE A 265 -2.27 -18.36 -1.92
C ILE A 265 -2.44 -19.83 -2.27
N ASP A 266 -2.29 -20.71 -1.29
CA ASP A 266 -2.38 -22.14 -1.55
C ASP A 266 -3.82 -22.65 -1.55
N LYS A 267 -4.80 -21.77 -1.38
CA LYS A 267 -6.20 -22.17 -1.29
C LYS A 267 -7.04 -21.58 -2.40
N ILE A 268 -6.43 -21.02 -3.43
CA ILE A 268 -7.16 -20.33 -4.48
C ILE A 268 -6.81 -20.93 -5.83
N GLY A 269 -7.75 -20.78 -6.76
CA GLY A 269 -7.49 -21.04 -8.16
C GLY A 269 -7.98 -19.85 -8.98
N VAL A 270 -7.68 -19.89 -10.27
CA VAL A 270 -8.09 -18.85 -11.18
C VAL A 270 -8.68 -19.50 -12.42
N THR A 271 -9.74 -18.90 -12.96
CA THR A 271 -10.34 -19.36 -14.19
C THR A 271 -10.71 -18.13 -15.01
N MET A 272 -11.09 -18.36 -16.26
CA MET A 272 -11.47 -17.27 -17.13
C MET A 272 -12.80 -16.68 -16.70
N VAL A 273 -13.07 -15.47 -17.18
CA VAL A 273 -14.32 -14.78 -16.88
C VAL A 273 -15.46 -15.60 -17.50
N PRO A 274 -16.64 -15.60 -16.88
CA PRO A 274 -17.75 -16.39 -17.46
C PRO A 274 -18.18 -15.86 -18.81
N GLU A 275 -18.66 -16.77 -19.64
CA GLU A 275 -19.10 -16.44 -21.00
C GLU A 275 -20.49 -15.82 -20.97
N GLY A 276 -20.63 -14.68 -21.65
CA GLY A 276 -21.89 -14.00 -21.75
C GLY A 276 -22.63 -14.40 -23.02
N PRO A 277 -23.78 -13.76 -23.28
CA PRO A 277 -24.57 -14.12 -24.47
C PRO A 277 -23.92 -13.77 -25.79
N ALA A 278 -22.93 -12.89 -25.82
CA ALA A 278 -22.22 -12.56 -27.05
C ALA A 278 -21.04 -13.49 -27.31
N GLY A 279 -20.75 -14.38 -26.38
CA GLY A 279 -19.49 -15.10 -26.36
C GLY A 279 -18.62 -14.60 -25.21
N ARG A 280 -17.41 -15.14 -25.13
CA ARG A 280 -16.48 -14.76 -24.07
C ARG A 280 -15.65 -13.57 -24.51
N TYR A 281 -15.62 -12.53 -23.68
CA TYR A 281 -14.77 -11.37 -23.89
C TYR A 281 -14.13 -11.01 -22.56
N ALA A 282 -12.91 -10.48 -22.64
CA ALA A 282 -12.14 -10.13 -21.45
C ALA A 282 -11.52 -8.77 -21.64
N PHE A 283 -11.18 -8.15 -20.51
CA PHE A 283 -10.49 -6.87 -20.53
C PHE A 283 -9.04 -7.09 -20.96
N MET A 284 -8.59 -6.30 -21.93
CA MET A 284 -7.19 -6.28 -22.32
C MET A 284 -6.61 -4.93 -21.97
N GLY A 285 -5.65 -4.92 -21.05
CA GLY A 285 -4.96 -3.70 -20.70
C GLY A 285 -3.46 -3.86 -20.83
N GLY A 286 -2.71 -3.04 -20.13
CA GLY A 286 -1.27 -3.12 -20.13
C GLY A 286 -0.67 -1.74 -20.20
N SER A 287 0.63 -1.70 -20.46
CA SER A 287 1.34 -0.44 -20.54
C SER A 287 2.32 -0.47 -21.70
N ASN A 288 2.58 0.71 -22.25
CA ASN A 288 3.56 0.93 -23.29
C ASN A 288 4.68 1.81 -22.74
N LEU A 289 5.76 1.89 -23.49
CA LEU A 289 6.84 2.82 -23.20
C LEU A 289 6.94 3.86 -24.30
N VAL A 290 7.17 5.11 -23.93
CA VAL A 290 7.26 6.20 -24.89
C VAL A 290 8.52 7.01 -24.61
N ILE A 291 9.03 7.65 -25.66
CA ILE A 291 10.16 8.58 -25.55
C ILE A 291 9.60 9.98 -25.74
N PHE A 292 9.88 10.86 -24.78
CA PHE A 292 9.46 12.25 -24.89
C PHE A 292 10.27 12.95 -25.99
N ASN A 293 9.59 13.80 -26.75
CA ASN A 293 10.23 14.53 -27.83
C ASN A 293 11.28 15.51 -27.33
N SER A 294 11.17 15.93 -26.07
CA SER A 294 12.15 16.82 -25.46
C SER A 294 13.42 16.11 -25.01
N SER A 295 13.49 14.80 -25.17
CA SER A 295 14.66 14.04 -24.74
C SER A 295 15.89 14.48 -25.52
N LYS A 296 16.99 14.69 -24.81
CA LYS A 296 18.25 15.01 -25.43
C LYS A 296 19.09 13.78 -25.73
N ASN A 297 18.60 12.60 -25.36
CA ASN A 297 19.33 11.34 -25.54
C ASN A 297 18.47 10.30 -26.24
N LYS A 298 17.93 10.66 -27.40
CA LYS A 298 16.92 9.81 -28.04
C LYS A 298 17.52 8.52 -28.58
N ASP A 299 18.76 8.57 -29.09
CA ASP A 299 19.42 7.36 -29.55
C ASP A 299 19.58 6.37 -28.40
N GLU A 300 20.06 6.85 -27.26
CA GLU A 300 20.21 5.98 -26.09
C GLU A 300 18.84 5.51 -25.58
N ALA A 301 17.85 6.39 -25.58
CA ALA A 301 16.51 6.00 -25.14
C ALA A 301 15.96 4.88 -26.01
N LEU A 302 16.10 5.01 -27.33
CA LEU A 302 15.61 3.97 -28.22
C LEU A 302 16.34 2.65 -27.98
N GLU A 303 17.63 2.71 -27.66
CA GLU A 303 18.37 1.50 -27.33
C GLU A 303 17.80 0.84 -26.07
N LEU A 304 17.39 1.64 -25.09
CA LEU A 304 16.83 1.08 -23.87
C LEU A 304 15.47 0.45 -24.13
N LEU A 305 14.62 1.11 -24.93
CA LEU A 305 13.33 0.53 -25.26
C LEU A 305 13.50 -0.82 -25.96
N LYS A 306 14.45 -0.91 -26.89
CA LYS A 306 14.69 -2.17 -27.58
C LYS A 306 15.12 -3.24 -26.60
N PHE A 307 15.90 -2.86 -25.58
CA PHE A 307 16.29 -3.85 -24.57
C PHE A 307 15.09 -4.35 -23.78
N PHE A 308 14.19 -3.44 -23.41
CA PHE A 308 13.02 -3.84 -22.64
C PHE A 308 12.17 -4.82 -23.43
N ALA A 309 12.25 -4.78 -24.77
CA ALA A 309 11.52 -5.70 -25.61
C ALA A 309 12.31 -6.98 -25.92
N SER A 310 13.50 -7.13 -25.36
CA SER A 310 14.28 -8.34 -25.58
C SER A 310 13.66 -9.50 -24.81
N LYS A 311 13.89 -10.72 -25.31
CA LYS A 311 13.28 -11.90 -24.71
C LYS A 311 13.57 -11.99 -23.23
N GLU A 312 14.84 -11.82 -22.84
CA GLU A 312 15.22 -12.03 -21.45
C GLU A 312 14.64 -10.94 -20.54
N ALA A 313 14.64 -9.69 -21.00
CA ALA A 313 14.08 -8.62 -20.18
C ALA A 313 12.56 -8.76 -20.04
N GLN A 314 11.91 -9.28 -21.08
CA GLN A 314 10.48 -9.55 -21.00
C GLN A 314 10.19 -10.65 -19.99
N VAL A 315 10.98 -11.72 -20.00
CA VAL A 315 10.77 -12.81 -19.06
C VAL A 315 11.02 -12.32 -17.63
N GLU A 316 12.13 -11.61 -17.41
CA GLU A 316 12.50 -11.25 -16.04
C GLU A 316 11.52 -10.26 -15.42
N TYR A 317 11.03 -9.29 -16.21
CA TYR A 317 10.07 -8.35 -15.65
C TYR A 317 8.74 -9.04 -15.38
N SER A 318 8.36 -10.04 -16.19
CA SER A 318 7.14 -10.77 -15.92
C SER A 318 7.23 -11.56 -14.63
N LYS A 319 8.41 -12.12 -14.33
CA LYS A 319 8.57 -12.91 -13.11
C LYS A 319 8.37 -12.06 -11.87
N VAL A 320 8.78 -10.79 -11.90
CA VAL A 320 8.71 -9.96 -10.71
C VAL A 320 7.37 -9.24 -10.61
N SER A 321 6.82 -8.79 -11.74
CA SER A 321 5.59 -8.01 -11.74
C SER A 321 4.34 -8.85 -11.94
N LYS A 322 4.49 -10.06 -12.49
CA LYS A 322 3.40 -10.95 -12.89
C LYS A 322 2.62 -10.41 -14.09
N MET A 323 3.04 -9.31 -14.68
CA MET A 323 2.45 -8.86 -15.93
C MET A 323 2.84 -9.81 -17.06
N LEU A 324 2.06 -9.79 -18.13
CA LEU A 324 2.30 -10.72 -19.22
C LEU A 324 3.22 -10.11 -20.27
N PRO A 325 4.18 -10.86 -20.80
CA PRO A 325 5.03 -10.31 -21.86
C PRO A 325 4.24 -9.98 -23.12
N VAL A 326 4.75 -9.01 -23.88
CA VAL A 326 4.20 -8.68 -25.19
C VAL A 326 5.04 -9.26 -26.32
N VAL A 327 6.15 -9.93 -26.01
CA VAL A 327 7.06 -10.48 -27.01
C VAL A 327 6.84 -11.98 -27.08
N LYS A 328 6.59 -12.48 -28.29
CA LYS A 328 6.16 -13.86 -28.44
C LYS A 328 7.19 -14.84 -27.89
N ALA A 329 8.48 -14.59 -28.17
CA ALA A 329 9.51 -15.55 -27.78
C ALA A 329 9.64 -15.69 -26.27
N ALA A 330 9.12 -14.74 -25.49
CA ALA A 330 9.21 -14.86 -24.04
C ALA A 330 8.44 -16.07 -23.53
N TYR A 331 7.38 -16.47 -24.23
CA TYR A 331 6.55 -17.58 -23.78
C TYR A 331 7.17 -18.94 -24.03
N GLU A 332 8.39 -18.99 -24.58
CA GLU A 332 9.13 -20.23 -24.64
C GLU A 332 9.82 -20.58 -23.33
N ASP A 333 9.86 -19.67 -22.37
CA ASP A 333 10.58 -19.87 -21.12
C ASP A 333 9.80 -20.79 -20.19
N PRO A 334 10.50 -21.72 -19.47
CA PRO A 334 9.80 -22.64 -18.57
C PRO A 334 8.86 -22.00 -17.54
N TYR A 335 9.14 -20.77 -17.16
CA TYR A 335 8.30 -20.03 -16.23
C TYR A 335 6.85 -20.05 -16.64
N PHE A 336 6.58 -19.96 -17.96
CA PHE A 336 5.20 -19.89 -18.45
C PHE A 336 4.39 -21.19 -18.40
N GLU A 337 4.91 -22.26 -17.79
CA GLU A 337 4.10 -23.43 -17.50
C GLU A 337 3.34 -23.30 -16.19
N ASP A 338 3.47 -22.17 -15.48
CA ASP A 338 2.71 -21.95 -14.26
C ASP A 338 1.23 -21.97 -14.56
N SER A 339 0.47 -22.74 -13.77
CA SER A 339 -0.93 -22.96 -14.05
C SER A 339 -1.72 -21.66 -14.02
N LEU A 340 -1.41 -20.78 -13.06
CA LEU A 340 -2.15 -19.53 -12.94
C LEU A 340 -1.87 -18.62 -14.14
N MET A 341 -0.61 -18.42 -14.46
CA MET A 341 -0.24 -17.52 -15.52
C MET A 341 -0.79 -17.97 -16.85
N LYS A 342 -0.86 -19.27 -17.06
CA LYS A 342 -1.43 -19.80 -18.29
C LYS A 342 -2.88 -19.36 -18.52
N VAL A 343 -3.65 -19.22 -17.45
CA VAL A 343 -5.04 -18.78 -17.58
C VAL A 343 -5.08 -17.33 -18.09
N PHE A 344 -4.23 -16.47 -17.53
CA PHE A 344 -4.23 -15.08 -17.98
C PHE A 344 -3.78 -14.96 -19.44
N LYS A 345 -2.75 -15.73 -19.82
CA LYS A 345 -2.27 -15.71 -21.20
C LYS A 345 -3.34 -16.21 -22.16
N GLU A 346 -3.96 -17.37 -21.83
CA GLU A 346 -5.00 -17.91 -22.71
C GLU A 346 -6.16 -16.92 -22.83
N GLN A 347 -6.54 -16.30 -21.73
CA GLN A 347 -7.68 -15.41 -21.75
C GLN A 347 -7.42 -14.21 -22.64
N VAL A 348 -6.33 -13.51 -22.39
CA VAL A 348 -6.02 -12.31 -23.16
C VAL A 348 -5.86 -12.62 -24.65
N ASP A 349 -5.24 -13.73 -24.94
CA ASP A 349 -4.99 -14.05 -26.32
C ASP A 349 -6.26 -14.37 -27.09
N LYS A 350 -7.08 -15.23 -26.53
CA LYS A 350 -8.25 -15.70 -27.25
C LYS A 350 -9.37 -14.67 -27.22
N TYR A 351 -9.51 -13.96 -26.10
CA TYR A 351 -10.73 -13.20 -25.83
C TYR A 351 -10.49 -11.75 -25.43
N GLY A 352 -9.23 -11.30 -25.36
CA GLY A 352 -8.95 -9.96 -24.87
C GLY A 352 -9.38 -8.89 -25.88
N LYS A 353 -10.08 -7.87 -25.38
CA LYS A 353 -10.54 -6.75 -26.18
C LYS A 353 -10.07 -5.46 -25.52
N HIS A 354 -9.42 -4.61 -26.30
CA HIS A 354 -8.85 -3.35 -25.85
C HIS A 354 -9.71 -2.20 -26.34
N TYR A 355 -9.79 -1.14 -25.54
CA TYR A 355 -10.55 0.03 -25.93
C TYR A 355 -9.99 0.62 -27.24
N ALA A 356 -10.84 1.37 -27.94
CA ALA A 356 -10.38 2.13 -29.10
C ALA A 356 -9.24 3.05 -28.69
N SER A 357 -8.19 3.07 -29.51
CA SER A 357 -6.99 3.85 -29.21
C SER A 357 -7.14 5.26 -29.79
N VAL A 358 -8.09 6.00 -29.21
CA VAL A 358 -8.41 7.34 -29.71
C VAL A 358 -7.93 8.40 -28.72
N PRO A 359 -7.61 9.61 -29.20
CA PRO A 359 -6.97 10.60 -28.31
C PRO A 359 -7.85 11.02 -27.14
N GLY A 360 -9.16 10.93 -27.28
CA GLY A 360 -10.05 11.31 -26.20
C GLY A 360 -10.26 10.28 -25.13
N TRP A 361 -9.69 9.08 -25.27
CA TRP A 361 -10.07 8.01 -24.35
C TRP A 361 -9.57 8.28 -22.94
N ALA A 362 -8.38 8.86 -22.79
CA ALA A 362 -7.87 9.17 -21.46
C ALA A 362 -8.83 10.09 -20.72
N SER A 363 -9.29 11.15 -21.39
CA SER A 363 -10.24 12.06 -20.78
C SER A 363 -11.53 11.35 -20.42
N ALA A 364 -11.96 10.41 -21.27
CA ALA A 364 -13.19 9.67 -21.01
C ALA A 364 -13.06 8.82 -19.75
N GLU A 365 -11.87 8.27 -19.50
CA GLU A 365 -11.70 7.43 -18.32
C GLU A 365 -11.90 8.24 -17.05
N VAL A 366 -11.46 9.50 -17.04
CA VAL A 366 -11.72 10.37 -15.90
C VAL A 366 -13.23 10.50 -15.70
N ILE A 367 -13.97 10.73 -16.78
CA ILE A 367 -15.42 10.85 -16.69
C ILE A 367 -16.04 9.53 -16.24
N PHE A 368 -15.54 8.41 -16.76
CA PHE A 368 -16.07 7.10 -16.39
C PHE A 368 -15.94 6.85 -14.89
N SER A 369 -14.75 7.11 -14.35
CA SER A 369 -14.50 6.84 -12.94
C SER A 369 -15.49 7.60 -12.05
N GLU A 370 -15.69 8.89 -12.35
CA GLU A 370 -16.64 9.68 -11.58
C GLU A 370 -18.07 9.24 -11.85
N GLY A 371 -18.40 9.00 -13.11
CA GLY A 371 -19.78 8.80 -13.50
C GLY A 371 -20.33 7.41 -13.19
N LEU A 372 -19.60 6.37 -13.60
CA LEU A 372 -20.09 5.02 -13.40
C LEU A 372 -20.09 4.61 -11.95
N SER A 373 -19.25 5.23 -11.11
CA SER A 373 -19.29 4.94 -9.68
C SER A 373 -20.63 5.34 -9.07
N LYS A 374 -21.37 6.25 -9.70
CA LYS A 374 -22.70 6.59 -9.22
C LYS A 374 -23.68 5.45 -9.36
N ILE A 375 -23.43 4.52 -10.29
CA ILE A 375 -24.25 3.30 -10.34
C ILE A 375 -24.18 2.56 -9.03
N TRP A 376 -22.98 2.48 -8.43
CA TRP A 376 -22.84 1.80 -7.15
C TRP A 376 -23.52 2.57 -6.03
N ASP A 377 -23.50 3.90 -6.08
CA ASP A 377 -24.27 4.69 -5.11
C ASP A 377 -25.75 4.36 -5.20
N ASN A 378 -26.27 4.21 -6.42
CA ASN A 378 -27.65 3.78 -6.62
C ASN A 378 -27.88 2.41 -6.00
N VAL A 379 -27.03 1.44 -6.34
CA VAL A 379 -27.13 0.10 -5.78
C VAL A 379 -27.04 0.13 -4.23
N MET A 380 -26.14 0.94 -3.68
CA MET A 380 -25.99 1.03 -2.24
C MET A 380 -27.09 1.85 -1.58
N GLU A 381 -27.96 2.47 -2.36
CA GLU A 381 -29.14 3.16 -1.83
C GLU A 381 -28.75 4.28 -0.86
N VAL A 382 -27.63 4.96 -1.16
CA VAL A 382 -27.23 6.07 -0.31
C VAL A 382 -28.16 7.25 -0.48
N ASP A 383 -28.93 7.31 -1.58
CA ASP A 383 -29.88 8.40 -1.84
C ASP A 383 -31.12 7.80 -2.48
N GLY A 384 -31.93 7.11 -1.67
CA GLY A 384 -33.14 6.50 -2.16
C GLY A 384 -32.93 5.04 -2.58
N ALA A 385 -34.01 4.23 -2.67
CA ALA A 385 -34.03 2.81 -3.03
C ALA A 385 -33.46 2.63 -4.43
N TYR A 386 -32.92 1.45 -4.71
CA TYR A 386 -32.31 1.19 -5.98
C TYR A 386 -33.36 1.28 -7.06
N SER A 387 -32.99 1.86 -8.20
CA SER A 387 -33.88 1.97 -9.34
C SER A 387 -33.04 1.72 -10.56
N TYR A 388 -33.35 0.72 -11.33
CA TYR A 388 -32.66 0.50 -12.58
C TYR A 388 -32.75 1.76 -13.47
N ASP A 389 -33.90 2.43 -13.44
CA ASP A 389 -34.08 3.62 -14.27
C ASP A 389 -33.08 4.72 -13.92
N LYS A 390 -32.70 4.82 -12.65
CA LYS A 390 -31.64 5.75 -12.27
C LYS A 390 -30.32 5.36 -12.93
N THR A 391 -29.99 4.06 -12.91
CA THR A 391 -28.78 3.61 -13.60
C THR A 391 -28.80 4.00 -15.07
N VAL A 392 -29.93 3.80 -15.75
CA VAL A 392 -30.03 4.16 -17.16
C VAL A 392 -29.73 5.65 -17.35
N GLN A 393 -30.31 6.49 -16.50
CA GLN A 393 -30.10 7.94 -16.65
C GLN A 393 -28.65 8.31 -16.40
N ILE A 394 -28.00 7.67 -15.42
CA ILE A 394 -26.59 7.92 -15.17
C ILE A 394 -25.77 7.59 -16.41
N VAL A 395 -26.05 6.44 -17.03
CA VAL A 395 -25.26 6.04 -18.19
C VAL A 395 -25.48 7.01 -19.35
N LYS A 396 -26.73 7.45 -19.55
CA LYS A 396 -27.00 8.39 -20.62
C LYS A 396 -26.28 9.72 -20.40
N ASP A 397 -26.25 10.19 -19.15
CA ASP A 397 -25.54 11.45 -18.86
C ASP A 397 -24.05 11.31 -19.11
N VAL A 398 -23.46 10.19 -18.70
CA VAL A 398 -22.05 9.95 -18.94
C VAL A 398 -21.78 9.85 -20.44
N GLU A 399 -22.69 9.22 -21.18
CA GLU A 399 -22.49 9.06 -22.61
C GLU A 399 -22.52 10.40 -23.32
N SER A 400 -23.39 11.30 -22.88
CA SER A 400 -23.47 12.61 -23.52
C SER A 400 -22.18 13.38 -23.35
N GLN A 401 -21.56 13.30 -22.17
CA GLN A 401 -20.32 14.02 -21.95
C GLN A 401 -19.17 13.36 -22.71
N ILE A 402 -19.14 12.03 -22.76
CA ILE A 402 -18.13 11.35 -23.54
C ILE A 402 -18.23 11.78 -25.00
N ASN A 403 -19.45 11.93 -25.51
CA ASN A 403 -19.63 12.32 -26.91
C ASN A 403 -19.01 13.68 -27.17
N GLN A 404 -19.22 14.64 -26.27
CA GLN A 404 -18.63 15.96 -26.47
C GLN A 404 -17.11 15.87 -26.50
N ILE A 405 -16.52 15.04 -25.62
CA ILE A 405 -15.08 14.87 -25.61
C ILE A 405 -14.59 14.29 -26.93
N LEU A 406 -15.23 13.23 -27.40
CA LEU A 406 -14.80 12.60 -28.64
C LEU A 406 -14.86 13.58 -29.80
N GLN A 407 -15.86 14.46 -29.80
CA GLN A 407 -16.05 15.38 -30.91
C GLN A 407 -14.98 16.48 -30.96
N GLU A 408 -14.11 16.56 -29.96
CA GLU A 408 -13.01 17.53 -30.01
C GLU A 408 -11.93 17.12 -31.00
N THR A 409 -11.82 15.83 -31.31
CA THR A 409 -10.85 15.34 -32.28
C THR A 409 -11.31 15.65 -33.70
N SER B 1 35.63 7.24 -6.47
CA SER B 1 34.27 7.60 -6.11
C SER B 1 33.67 6.52 -5.23
N VAL B 2 32.57 6.85 -4.55
CA VAL B 2 31.96 5.99 -3.55
C VAL B 2 30.47 5.90 -3.80
N LYS B 3 29.96 4.68 -3.87
CA LYS B 3 28.53 4.41 -4.05
C LYS B 3 28.03 3.81 -2.73
N LEU B 4 27.42 4.65 -1.90
CA LEU B 4 26.90 4.19 -0.63
C LEU B 4 25.54 3.53 -0.83
N THR B 5 25.41 2.30 -0.37
CA THR B 5 24.13 1.60 -0.36
C THR B 5 23.52 1.71 1.03
N MET B 6 22.21 1.94 1.10
CA MET B 6 21.54 2.00 2.39
C MET B 6 20.13 1.48 2.27
N TRP B 7 19.73 0.69 3.27
CA TRP B 7 18.39 0.17 3.38
C TRP B 7 17.54 1.11 4.20
N ILE B 8 16.34 1.42 3.72
CA ILE B 8 15.35 2.14 4.49
C ILE B 8 14.07 1.32 4.53
N MET B 9 13.27 1.56 5.55
CA MET B 9 11.91 1.06 5.60
C MET B 9 10.96 2.06 4.95
N PRO B 10 9.74 1.65 4.61
CA PRO B 10 8.84 2.57 3.89
C PRO B 10 8.36 3.73 4.76
N ASN B 11 9.19 4.76 4.90
CA ASN B 11 8.88 5.88 5.78
C ASN B 11 8.02 6.95 5.12
N SER B 12 7.83 6.91 3.81
CA SER B 12 7.08 7.92 3.09
C SER B 12 6.40 7.28 1.89
N ASP B 13 5.65 8.09 1.15
CA ASP B 13 4.81 7.55 0.08
C ASP B 13 5.65 6.92 -1.03
N THR B 14 6.74 7.58 -1.43
CA THR B 14 7.70 7.05 -2.41
C THR B 14 9.07 7.02 -1.75
N PRO B 15 9.37 5.99 -0.96
CA PRO B 15 10.49 6.11 0.00
C PRO B 15 11.84 6.39 -0.64
N ASP B 16 12.20 5.68 -1.71
CA ASP B 16 13.51 5.88 -2.31
C ASP B 16 13.65 7.30 -2.85
N GLN B 17 12.68 7.74 -3.66
CA GLN B 17 12.74 9.06 -4.26
C GLN B 17 12.75 10.15 -3.21
N ASP B 18 11.95 9.99 -2.15
CA ASP B 18 11.89 10.98 -1.10
C ASP B 18 13.22 11.08 -0.36
N LEU B 19 13.90 9.95 -0.18
CA LEU B 19 15.21 9.96 0.45
C LEU B 19 16.25 10.65 -0.43
N LEU B 20 16.20 10.38 -1.75
CA LEU B 20 17.20 10.94 -2.65
C LEU B 20 17.10 12.46 -2.73
N LYS B 21 15.87 13.00 -2.70
CA LYS B 21 15.74 14.45 -2.72
C LYS B 21 16.31 15.08 -1.46
N VAL B 22 16.19 14.38 -0.32
CA VAL B 22 16.73 14.90 0.93
C VAL B 22 18.25 14.90 0.89
N VAL B 23 18.85 13.88 0.27
CA VAL B 23 20.30 13.82 0.23
C VAL B 23 20.90 14.61 -0.92
N LYS B 24 20.08 15.14 -1.81
CA LYS B 24 20.61 15.85 -2.98
C LYS B 24 21.55 16.97 -2.60
N PRO B 25 21.30 17.77 -1.56
CA PRO B 25 22.32 18.76 -1.15
C PRO B 25 23.66 18.11 -0.84
N PHE B 26 23.64 16.92 -0.22
CA PHE B 26 24.88 16.24 0.16
C PHE B 26 25.65 15.77 -1.08
N THR B 27 24.94 15.15 -2.02
CA THR B 27 25.62 14.68 -3.23
C THR B 27 25.99 15.83 -4.16
N ASP B 28 25.22 16.92 -4.14
CA ASP B 28 25.61 18.10 -4.91
C ASP B 28 26.91 18.68 -4.39
N ALA B 29 27.09 18.67 -3.07
CA ALA B 29 28.31 19.21 -2.48
C ALA B 29 29.46 18.21 -2.53
N ASN B 30 29.15 16.91 -2.58
CA ASN B 30 30.17 15.86 -2.61
C ASN B 30 29.94 15.02 -3.88
N PRO B 31 30.36 15.52 -5.04
CA PRO B 31 30.08 14.78 -6.28
C PRO B 31 30.69 13.39 -6.34
N HIS B 32 31.69 13.09 -5.52
CA HIS B 32 32.31 11.76 -5.55
C HIS B 32 31.49 10.72 -4.81
N ILE B 33 30.42 11.11 -4.12
CA ILE B 33 29.60 10.19 -3.34
C ILE B 33 28.22 10.12 -3.96
N THR B 34 27.73 8.91 -4.15
CA THR B 34 26.34 8.65 -4.55
C THR B 34 25.69 7.75 -3.52
N VAL B 35 24.36 7.85 -3.44
CA VAL B 35 23.57 7.08 -2.49
C VAL B 35 22.54 6.27 -3.26
N GLU B 36 22.53 4.97 -3.04
CA GLU B 36 21.59 4.07 -3.70
C GLU B 36 20.70 3.43 -2.64
N PRO B 37 19.51 3.96 -2.39
CA PRO B 37 18.64 3.38 -1.38
C PRO B 37 17.85 2.18 -1.89
N THR B 38 17.65 1.23 -0.99
CA THR B 38 16.84 0.04 -1.21
C THR B 38 15.79 -0.01 -0.13
N VAL B 39 14.55 -0.32 -0.50
CA VAL B 39 13.43 -0.33 0.44
C VAL B 39 13.22 -1.75 0.96
N VAL B 40 13.05 -1.87 2.27
CA VAL B 40 12.81 -3.14 2.94
C VAL B 40 11.53 -3.00 3.76
N ASP B 41 10.54 -3.84 3.49
CA ASP B 41 9.27 -3.75 4.20
C ASP B 41 9.47 -4.07 5.68
N TRP B 42 8.59 -3.51 6.52
CA TRP B 42 8.76 -3.65 7.96
C TRP B 42 8.66 -5.11 8.39
N SER B 43 7.72 -5.87 7.82
CA SER B 43 7.52 -7.24 8.27
C SER B 43 8.77 -8.09 8.06
N ALA B 44 9.56 -7.78 7.04
CA ALA B 44 10.77 -8.54 6.75
C ALA B 44 12.05 -7.84 7.19
N ALA B 45 11.93 -6.64 7.77
CA ALA B 45 13.12 -5.86 8.06
C ALA B 45 14.03 -6.53 9.08
N LEU B 46 13.44 -7.10 10.14
CA LEU B 46 14.25 -7.69 11.19
C LEU B 46 14.99 -8.93 10.69
N THR B 47 14.32 -9.77 9.91
CA THR B 47 14.99 -10.95 9.36
C THR B 47 16.12 -10.55 8.42
N LYS B 48 15.88 -9.56 7.54
CA LYS B 48 16.88 -9.20 6.57
C LYS B 48 18.05 -8.46 7.21
N ILE B 49 17.77 -7.60 8.19
CA ILE B 49 18.85 -6.90 8.89
C ILE B 49 19.69 -7.89 9.69
N THR B 50 19.04 -8.87 10.31
CA THR B 50 19.78 -9.89 11.07
C THR B 50 20.66 -10.72 10.15
N ALA B 51 20.16 -11.04 8.95
CA ALA B 51 20.95 -11.83 8.01
C ALA B 51 22.12 -11.02 7.46
N ALA B 52 21.90 -9.74 7.19
CA ALA B 52 22.95 -8.90 6.63
C ALA B 52 24.04 -8.61 7.66
N ALA B 53 23.66 -8.28 8.90
CA ALA B 53 24.63 -8.12 9.97
C ALA B 53 25.43 -9.38 10.22
N THR B 54 24.99 -10.50 9.67
CA THR B 54 25.51 -11.82 10.01
C THR B 54 26.13 -12.52 8.81
N SER B 55 25.45 -12.51 7.66
CA SER B 55 26.00 -13.19 6.50
C SER B 55 27.23 -12.48 5.96
N GLY B 56 27.29 -11.16 6.11
CA GLY B 56 28.33 -10.38 5.48
C GLY B 56 27.76 -9.54 4.35
N GLU B 57 26.96 -10.17 3.49
CA GLU B 57 26.20 -9.46 2.48
C GLU B 57 25.34 -8.40 3.16
N ALA B 58 25.77 -7.14 3.07
CA ALA B 58 25.09 -6.05 3.77
C ALA B 58 25.30 -4.77 2.99
N PRO B 59 24.36 -3.84 3.06
CA PRO B 59 24.62 -2.49 2.54
C PRO B 59 25.59 -1.76 3.45
N ASP B 60 25.98 -0.54 3.09
CA ASP B 60 26.84 0.24 3.95
C ASP B 60 26.09 0.71 5.19
N ILE B 61 24.84 1.09 5.02
CA ILE B 61 24.03 1.70 6.07
C ILE B 61 22.66 1.03 6.06
N THR B 62 22.04 0.95 7.23
CA THR B 62 20.63 0.58 7.25
C THR B 62 19.89 1.35 8.34
N GLN B 63 18.65 1.72 8.03
CA GLN B 63 17.70 2.11 9.05
C GLN B 63 17.36 0.90 9.91
N VAL B 64 17.18 1.15 11.20
CA VAL B 64 16.83 0.10 12.16
CA VAL B 64 16.84 0.11 12.16
C VAL B 64 15.80 0.68 13.12
N GLY B 65 14.68 -0.02 13.27
CA GLY B 65 13.69 0.40 14.24
C GLY B 65 14.36 0.64 15.57
N SER B 66 13.96 1.69 16.29
CA SER B 66 14.68 2.05 17.51
C SER B 66 14.66 0.92 18.53
N THR B 67 13.60 0.12 18.55
CA THR B 67 13.49 -0.95 19.54
C THR B 67 14.34 -2.17 19.19
N TRP B 68 14.91 -2.21 17.98
CA TRP B 68 15.74 -3.34 17.56
C TRP B 68 17.23 -3.03 17.61
N THR B 69 17.61 -1.76 17.85
CA THR B 69 19.01 -1.38 17.67
C THR B 69 19.93 -2.18 18.57
N ALA B 70 19.54 -2.38 19.83
CA ALA B 70 20.37 -3.16 20.75
C ALA B 70 20.52 -4.60 20.26
N ALA B 71 19.46 -5.18 19.69
CA ALA B 71 19.54 -6.55 19.20
C ALA B 71 20.61 -6.68 18.13
N ILE B 72 20.68 -5.72 17.20
CA ILE B 72 21.67 -5.79 16.14
C ILE B 72 23.05 -5.41 16.67
N GLY B 73 23.13 -4.40 17.53
CA GLY B 73 24.41 -4.00 18.08
C GLY B 73 25.06 -5.07 18.92
N ALA B 74 24.25 -5.92 19.55
CA ALA B 74 24.78 -7.00 20.39
C ALA B 74 25.33 -8.16 19.57
N MET B 75 25.14 -8.17 18.26
CA MET B 75 25.68 -9.23 17.41
C MET B 75 27.15 -8.95 17.15
N GLU B 76 28.02 -9.89 17.55
CA GLU B 76 29.45 -9.65 17.58
C GLU B 76 29.98 -9.24 16.22
N GLY B 77 30.63 -8.08 16.18
CA GLY B 77 31.27 -7.60 14.97
C GLY B 77 30.34 -7.09 13.91
N ALA B 78 29.05 -6.95 14.22
CA ALA B 78 28.07 -6.61 13.21
C ALA B 78 28.15 -5.15 12.81
N LEU B 79 28.13 -4.26 13.81
CA LEU B 79 28.02 -2.83 13.55
C LEU B 79 29.27 -2.08 13.99
N VAL B 80 29.49 -0.93 13.35
CA VAL B 80 30.52 0.00 13.80
C VAL B 80 30.03 0.69 15.07
N GLU B 81 30.85 0.64 16.12
CA GLU B 81 30.54 1.39 17.33
C GLU B 81 30.72 2.87 17.07
N LEU B 82 29.67 3.65 17.33
CA LEU B 82 29.68 5.07 17.01
C LEU B 82 30.09 5.95 18.18
N THR B 83 30.27 5.38 19.37
CA THR B 83 30.70 6.13 20.54
C THR B 83 31.94 6.95 20.22
N GLY B 84 31.83 8.26 20.38
CA GLY B 84 32.93 9.17 20.13
C GLY B 84 33.04 9.65 18.70
N LYS B 85 32.27 9.10 17.77
CA LYS B 85 32.29 9.54 16.39
C LYS B 85 31.16 10.50 16.06
N ILE B 86 30.07 10.48 16.83
CA ILE B 86 28.93 11.36 16.63
C ILE B 86 28.88 12.36 17.78
N ASP B 87 28.54 13.60 17.45
CA ASP B 87 28.37 14.66 18.45
C ASP B 87 26.99 14.51 19.06
N THR B 88 26.91 13.84 20.21
CA THR B 88 25.62 13.58 20.84
C THR B 88 24.98 14.84 21.41
N SER B 89 25.72 15.93 21.56
CA SER B 89 25.16 17.15 22.13
C SER B 89 24.09 17.76 21.23
N ALA B 90 24.07 17.40 19.94
CA ALA B 90 23.08 17.97 19.03
C ALA B 90 21.71 17.34 19.19
N PHE B 91 21.62 16.18 19.83
CA PHE B 91 20.39 15.40 19.83
C PHE B 91 19.51 15.71 21.04
N VAL B 92 18.20 15.56 20.84
CA VAL B 92 17.28 15.49 21.96
C VAL B 92 17.67 14.26 22.79
N GLU B 93 18.02 14.50 24.06
CA GLU B 93 18.73 13.47 24.83
C GLU B 93 17.92 12.20 24.98
N SER B 94 16.59 12.31 25.09
CA SER B 94 15.76 11.13 25.26
C SER B 94 15.83 10.21 24.06
N THR B 95 16.15 10.74 22.87
CA THR B 95 16.24 9.89 21.69
C THR B 95 17.49 9.02 21.69
N LEU B 96 18.42 9.26 22.61
CA LEU B 96 19.67 8.50 22.62
C LEU B 96 19.55 7.16 23.34
N GLN B 97 18.52 6.97 24.17
CA GLN B 97 18.46 5.76 24.97
C GLN B 97 18.38 4.50 24.12
N SER B 98 17.71 4.58 22.96
CA SER B 98 17.63 3.43 22.08
C SER B 98 18.89 3.24 21.24
N ALA B 99 19.76 4.25 21.17
CA ALA B 99 21.01 4.14 20.42
C ALA B 99 22.09 3.40 21.19
N TYR B 100 21.94 3.27 22.50
CA TYR B 100 22.88 2.53 23.34
C TYR B 100 22.28 1.17 23.71
N ILE B 101 23.16 0.21 23.98
CA ILE B 101 22.72 -1.05 24.59
C ILE B 101 22.58 -0.82 26.09
N LYS B 102 21.40 -1.13 26.64
CA LYS B 102 21.19 -0.92 28.06
C LYS B 102 22.18 -1.73 28.88
N GLY B 103 22.68 -1.14 29.96
CA GLY B 103 23.70 -1.75 30.76
C GLY B 103 25.11 -1.55 30.25
N THR B 104 25.27 -0.90 29.11
CA THR B 104 26.58 -0.57 28.56
C THR B 104 26.62 0.91 28.21
N ASP B 105 27.81 1.40 27.87
CA ASP B 105 27.98 2.75 27.34
C ASP B 105 28.34 2.71 25.85
N LYS B 106 28.00 1.63 25.16
CA LYS B 106 28.34 1.46 23.75
C LYS B 106 27.18 1.94 22.89
N MET B 107 27.47 2.88 21.99
CA MET B 107 26.48 3.41 21.06
C MET B 107 26.71 2.77 19.70
N PHE B 108 25.70 2.04 19.20
CA PHE B 108 25.78 1.40 17.90
C PHE B 108 24.85 2.02 16.88
N GLY B 109 24.08 3.03 17.26
CA GLY B 109 23.16 3.67 16.34
C GLY B 109 23.18 5.17 16.51
N MET B 110 22.77 5.84 15.44
CA MET B 110 22.52 7.27 15.49
C MET B 110 21.03 7.50 15.36
N PRO B 111 20.39 8.22 16.28
CA PRO B 111 18.96 8.54 16.11
C PRO B 111 18.75 9.29 14.80
N TRP B 112 17.65 8.94 14.11
CA TRP B 112 17.31 9.56 12.84
C TRP B 112 15.98 10.31 12.92
N PHE B 113 14.92 9.65 13.36
CA PHE B 113 13.65 10.31 13.62
C PHE B 113 12.95 9.56 14.74
N THR B 114 11.96 10.23 15.35
CA THR B 114 11.16 9.63 16.39
C THR B 114 9.68 9.76 16.02
N GLU B 115 8.84 9.07 16.77
CA GLU B 115 7.41 9.06 16.51
C GLU B 115 6.68 8.65 17.78
N THR B 116 5.41 9.02 17.86
CA THR B 116 4.51 8.57 18.90
C THR B 116 3.15 8.36 18.26
N ARG B 117 2.25 7.73 19.01
CA ARG B 117 0.88 7.49 18.56
C ARG B 117 -0.05 8.40 19.34
N ALA B 118 -0.92 9.11 18.63
CA ALA B 118 -1.81 10.10 19.24
C ALA B 118 -3.24 9.79 18.81
N LEU B 119 -4.19 10.48 19.44
CA LEU B 119 -5.62 10.21 19.26
C LEU B 119 -6.17 11.15 18.19
N PHE B 120 -6.39 10.59 17.00
CA PHE B 120 -7.11 11.29 15.95
C PHE B 120 -8.61 11.22 16.20
N TYR B 121 -9.32 12.28 15.81
CA TYR B 121 -10.77 12.28 15.98
C TYR B 121 -11.42 13.07 14.85
N ARG B 122 -12.66 12.69 14.55
CA ARG B 122 -13.48 13.38 13.55
C ARG B 122 -14.22 14.53 14.23
N LYS B 123 -13.93 15.75 13.81
CA LYS B 123 -14.61 16.91 14.39
C LYS B 123 -16.11 16.85 14.14
N ASP B 124 -16.52 16.47 12.91
CA ASP B 124 -17.95 16.48 12.60
C ASP B 124 -18.69 15.44 13.43
N ALA B 125 -18.08 14.28 13.65
CA ALA B 125 -18.72 13.25 14.48
C ALA B 125 -18.85 13.70 15.92
N CYS B 126 -17.80 14.31 16.47
CA CYS B 126 -17.87 14.83 17.83
C CYS B 126 -18.98 15.86 17.97
N GLU B 127 -19.09 16.76 17.00
CA GLU B 127 -20.14 17.77 17.04
C GLU B 127 -21.52 17.12 17.09
N LYS B 128 -21.76 16.13 16.23
CA LYS B 128 -23.07 15.50 16.19
C LYS B 128 -23.36 14.70 17.45
N ALA B 129 -22.31 14.16 18.09
CA ALA B 129 -22.50 13.30 19.25
C ALA B 129 -22.60 14.07 20.57
N GLY B 130 -22.26 15.35 20.56
CA GLY B 130 -22.24 16.10 21.81
C GLY B 130 -20.97 15.90 22.60
N VAL B 131 -19.85 15.70 21.92
CA VAL B 131 -18.57 15.44 22.55
C VAL B 131 -17.64 16.61 22.25
N ASN B 132 -17.02 17.15 23.29
CA ASN B 132 -16.00 18.17 23.11
C ASN B 132 -14.64 17.52 23.15
N PRO B 133 -13.94 17.40 22.01
CA PRO B 133 -12.66 16.66 22.03
C PRO B 133 -11.55 17.35 22.81
N GLU B 134 -11.67 18.65 23.12
CA GLU B 134 -10.63 19.30 23.90
C GLU B 134 -10.64 18.84 25.35
N THR B 135 -11.79 18.39 25.84
CA THR B 135 -11.96 18.03 27.24
C THR B 135 -12.41 16.59 27.46
N ASP B 136 -13.21 16.03 26.55
CA ASP B 136 -13.86 14.75 26.80
C ASP B 136 -12.97 13.55 26.56
N PHE B 137 -11.74 13.74 26.06
CA PHE B 137 -10.79 12.65 25.91
C PHE B 137 -9.65 12.72 26.94
N ALA B 138 -9.79 13.55 27.97
CA ALA B 138 -8.63 13.88 28.82
C ALA B 138 -8.24 12.73 29.73
N THR B 139 -9.18 11.87 30.11
CA THR B 139 -8.92 10.77 31.02
C THR B 139 -9.51 9.49 30.45
N TRP B 140 -9.09 8.36 31.02
CA TRP B 140 -9.63 7.07 30.59
C TRP B 140 -11.15 7.03 30.71
N ASP B 141 -11.67 7.45 31.87
CA ASP B 141 -13.11 7.33 32.12
C ASP B 141 -13.90 8.28 31.21
N LYS B 142 -13.37 9.49 30.98
CA LYS B 142 -14.06 10.42 30.08
C LYS B 142 -13.97 9.95 28.63
N PHE B 143 -12.81 9.41 28.24
CA PHE B 143 -12.65 8.81 26.92
C PHE B 143 -13.68 7.72 26.69
N LYS B 144 -13.84 6.82 27.65
CA LYS B 144 -14.81 5.73 27.50
C LYS B 144 -16.24 6.26 27.41
N ASP B 145 -16.57 7.26 28.24
CA ASP B 145 -17.89 7.86 28.16
C ASP B 145 -18.12 8.49 26.80
N ALA B 146 -17.12 9.20 26.28
CA ALA B 146 -17.25 9.81 24.96
C ALA B 146 -17.45 8.75 23.89
N LEU B 147 -16.73 7.62 23.98
CA LEU B 147 -16.85 6.58 22.98
C LEU B 147 -18.28 6.03 22.91
N LYS B 148 -18.96 5.94 24.05
CA LYS B 148 -20.34 5.45 24.02
C LYS B 148 -21.24 6.42 23.25
N LYS B 149 -20.98 7.73 23.39
CA LYS B 149 -21.78 8.70 22.64
C LYS B 149 -21.46 8.64 21.15
N LEU B 150 -20.22 8.33 20.79
CA LEU B 150 -19.82 8.30 19.40
C LEU B 150 -20.14 6.98 18.71
N ASN B 151 -20.38 5.92 19.46
CA ASN B 151 -20.48 4.59 18.87
C ASN B 151 -21.75 4.47 18.04
N GLY B 152 -21.58 4.27 16.74
CA GLY B 152 -22.71 4.16 15.83
C GLY B 152 -23.28 5.48 15.38
N ILE B 153 -22.59 6.59 15.67
CA ILE B 153 -23.08 7.90 15.27
C ILE B 153 -23.08 8.00 13.75
N GLU B 154 -24.12 8.61 13.20
CA GLU B 154 -24.30 8.71 11.76
C GLU B 154 -23.84 10.07 11.27
N VAL B 155 -22.85 10.06 10.38
CA VAL B 155 -22.30 11.28 9.79
C VAL B 155 -22.19 11.09 8.28
N ASP B 156 -22.77 12.02 7.52
CA ASP B 156 -22.73 11.96 6.06
C ASP B 156 -23.34 10.66 5.55
N GLY B 157 -24.37 10.17 6.24
CA GLY B 157 -25.02 8.94 5.88
C GLY B 157 -24.30 7.69 6.29
N LYS B 158 -23.07 7.79 6.80
CA LYS B 158 -22.29 6.65 7.24
C LYS B 158 -22.40 6.51 8.75
N LYS B 159 -22.56 5.27 9.21
CA LYS B 159 -22.55 4.98 10.63
C LYS B 159 -21.14 4.58 11.06
N LEU B 160 -20.62 5.26 12.08
CA LEU B 160 -19.23 5.12 12.46
C LEU B 160 -19.10 4.26 13.72
N ALA B 161 -18.06 3.44 13.75
CA ALA B 161 -17.59 2.87 15.00
C ALA B 161 -16.85 3.95 15.80
N ALA B 162 -16.98 3.87 17.12
CA ALA B 162 -16.40 4.93 17.96
C ALA B 162 -14.88 4.93 17.85
N LEU B 163 -14.25 3.76 17.94
CA LEU B 163 -12.79 3.65 17.91
C LEU B 163 -12.41 2.52 16.98
N GLY B 164 -11.46 2.80 16.09
CA GLY B 164 -10.95 1.78 15.19
C GLY B 164 -9.48 1.51 15.44
N MET B 165 -9.14 0.26 15.74
CA MET B 165 -7.76 -0.10 15.96
C MET B 165 -7.46 -1.47 15.38
N PRO B 166 -6.25 -1.70 14.91
CA PRO B 166 -5.85 -3.02 14.41
C PRO B 166 -5.48 -3.95 15.55
N GLY B 167 -5.43 -5.23 15.23
CA GLY B 167 -5.14 -6.22 16.24
C GLY B 167 -4.09 -7.25 15.90
N LYS B 168 -3.68 -7.31 14.63
CA LYS B 168 -2.86 -8.44 14.22
C LYS B 168 -1.84 -8.08 13.16
N ASN B 169 -0.84 -8.96 13.04
CA ASN B 169 -0.05 -9.14 11.82
C ASN B 169 0.91 -7.99 11.52
N ASP B 170 1.42 -7.33 12.56
CA ASP B 170 2.53 -6.40 12.38
C ASP B 170 3.14 -6.14 13.75
N TRP B 171 4.16 -5.28 13.76
CA TRP B 171 4.88 -4.99 14.99
C TRP B 171 4.08 -4.13 15.96
N ASN B 172 3.03 -3.48 15.48
CA ASN B 172 2.30 -2.51 16.29
C ASN B 172 1.40 -3.18 17.33
N VAL B 173 1.28 -4.50 17.32
CA VAL B 173 0.43 -5.18 18.30
C VAL B 173 0.84 -4.77 19.71
N VAL B 174 2.15 -4.83 20.00
CA VAL B 174 2.59 -4.48 21.35
C VAL B 174 2.67 -2.96 21.52
N HIS B 175 2.99 -2.21 20.46
CA HIS B 175 3.06 -0.75 20.59
C HIS B 175 1.71 -0.18 21.00
N ASN B 176 0.62 -0.79 20.52
CA ASN B 176 -0.72 -0.26 20.82
C ASN B 176 -1.19 -0.63 22.22
N PHE B 177 -0.59 -1.67 22.83
CA PHE B 177 -0.86 -1.93 24.24
C PHE B 177 0.00 -1.09 25.16
N SER B 178 1.17 -0.65 24.67
CA SER B 178 2.22 -0.12 25.54
C SER B 178 1.68 0.94 26.50
N TRP B 179 1.09 2.02 25.97
CA TRP B 179 0.74 3.14 26.84
C TRP B 179 -0.49 2.86 27.70
N TRP B 180 -1.29 1.84 27.39
CA TRP B 180 -2.35 1.43 28.30
C TRP B 180 -1.76 0.73 29.51
N ILE B 181 -0.73 -0.09 29.30
CA ILE B 181 -0.01 -0.70 30.42
C ILE B 181 0.67 0.38 31.25
N TYR B 182 1.36 1.32 30.60
CA TYR B 182 2.04 2.37 31.33
C TYR B 182 1.06 3.22 32.12
N GLY B 183 -0.03 3.64 31.48
CA GLY B 183 -1.01 4.49 32.13
C GLY B 183 -1.70 3.83 33.30
N ALA B 184 -1.77 2.51 33.32
CA ALA B 184 -2.33 1.78 34.44
C ALA B 184 -1.36 1.65 35.60
N GLY B 185 -0.09 1.96 35.39
CA GLY B 185 0.92 1.78 36.41
C GLY B 185 1.73 0.51 36.29
N GLY B 186 1.77 -0.09 35.10
CA GLY B 186 2.58 -1.26 34.86
C GLY B 186 3.71 -0.98 33.88
N ASP B 187 4.54 -2.00 33.68
CA ASP B 187 5.64 -1.94 32.73
C ASP B 187 5.87 -3.32 32.16
N PHE B 188 6.70 -3.39 31.12
CA PHE B 188 6.97 -4.67 30.49
C PHE B 188 8.08 -5.44 31.19
N VAL B 189 9.05 -4.74 31.76
CA VAL B 189 10.21 -5.37 32.38
C VAL B 189 10.56 -4.61 33.66
N ASN B 190 11.43 -5.21 34.47
CA ASN B 190 11.94 -4.55 35.66
C ASN B 190 12.95 -3.48 35.24
N GLU B 191 13.44 -2.72 36.23
CA GLU B 191 14.37 -1.63 35.93
C GLU B 191 15.60 -2.12 35.20
N GLU B 192 16.04 -3.35 35.46
CA GLU B 192 17.25 -3.86 34.83
C GLU B 192 17.00 -4.35 33.41
N GLY B 193 15.74 -4.60 33.04
CA GLY B 193 15.44 -5.14 31.74
C GLY B 193 15.70 -6.61 31.60
N THR B 194 15.69 -7.35 32.71
CA THR B 194 16.09 -8.74 32.73
C THR B 194 14.96 -9.68 33.11
N GLN B 195 13.78 -9.17 33.43
CA GLN B 195 12.67 -9.97 33.91
C GLN B 195 11.37 -9.34 33.42
N ALA B 196 10.49 -10.15 32.86
CA ALA B 196 9.20 -9.66 32.41
C ALA B 196 8.29 -9.39 33.60
N THR B 197 7.53 -8.29 33.54
CA THR B 197 6.68 -7.92 34.66
C THR B 197 5.30 -7.44 34.20
N PHE B 198 4.88 -7.78 32.97
CA PHE B 198 3.61 -7.25 32.47
C PHE B 198 2.41 -8.13 32.83
N SER B 199 2.58 -9.11 33.71
CA SER B 199 1.45 -9.81 34.31
C SER B 199 1.14 -9.27 35.70
N SER B 200 1.70 -8.11 36.07
CA SER B 200 1.37 -7.49 37.33
C SER B 200 -0.10 -7.07 37.36
N GLU B 201 -0.61 -6.88 38.58
CA GLU B 201 -1.97 -6.39 38.75
C GLU B 201 -2.22 -5.14 37.91
N ASN B 202 -1.27 -4.20 37.94
CA ASN B 202 -1.46 -2.94 37.23
C ASN B 202 -1.42 -3.14 35.72
N ALA B 203 -0.48 -3.95 35.23
CA ALA B 203 -0.39 -4.18 33.79
C ALA B 203 -1.67 -4.84 33.28
N LEU B 204 -2.20 -5.81 34.03
CA LEU B 204 -3.44 -6.47 33.61
C LEU B 204 -4.63 -5.52 33.68
N LYS B 205 -4.58 -4.52 34.57
CA LYS B 205 -5.64 -3.52 34.62
C LYS B 205 -5.70 -2.72 33.33
N GLY B 206 -4.53 -2.36 32.78
CA GLY B 206 -4.52 -1.64 31.52
C GLY B 206 -4.90 -2.51 30.35
N ILE B 207 -4.42 -3.75 30.32
CA ILE B 207 -4.80 -4.69 29.27
C ILE B 207 -6.32 -4.92 29.32
N LYS B 208 -6.87 -5.12 30.52
CA LYS B 208 -8.30 -5.35 30.64
C LYS B 208 -9.09 -4.13 30.18
N PHE B 209 -8.72 -2.94 30.63
CA PHE B 209 -9.49 -1.75 30.29
C PHE B 209 -9.53 -1.53 28.78
N TYR B 210 -8.37 -1.63 28.13
CA TYR B 210 -8.28 -1.42 26.69
C TYR B 210 -9.02 -2.52 25.93
N SER B 211 -8.70 -3.79 26.21
CA SER B 211 -9.29 -4.88 25.45
C SER B 211 -10.80 -4.95 25.63
N GLU B 212 -11.29 -4.68 26.84
CA GLU B 212 -12.73 -4.75 27.07
C GLU B 212 -13.50 -3.57 26.48
N LEU B 213 -12.80 -2.55 25.95
CA LEU B 213 -13.49 -1.59 25.11
C LEU B 213 -14.13 -2.28 23.91
N ALA B 214 -13.48 -3.32 23.38
CA ALA B 214 -14.05 -4.08 22.27
C ALA B 214 -15.15 -5.01 22.74
N VAL B 215 -15.02 -5.59 23.93
CA VAL B 215 -16.07 -6.45 24.48
C VAL B 215 -17.36 -5.66 24.68
N GLU B 216 -17.25 -4.37 25.01
CA GLU B 216 -18.40 -3.52 25.21
C GLU B 216 -18.92 -2.90 23.92
N GLY B 217 -18.31 -3.25 22.78
CA GLY B 217 -18.79 -2.80 21.49
C GLY B 217 -18.33 -1.43 21.07
N LEU B 218 -17.41 -0.82 21.80
CA LEU B 218 -17.03 0.57 21.51
C LEU B 218 -15.96 0.68 20.44
N MET B 219 -15.09 -0.32 20.31
CA MET B 219 -14.09 -0.32 19.26
C MET B 219 -14.39 -1.44 18.26
N ASP B 220 -14.24 -1.13 16.98
CA ASP B 220 -14.74 -1.96 15.90
C ASP B 220 -14.13 -3.35 15.94
N GLU B 221 -14.97 -4.37 16.04
CA GLU B 221 -14.47 -5.73 16.21
C GLU B 221 -13.89 -6.29 14.92
N PRO B 222 -14.54 -6.09 13.76
CA PRO B 222 -13.92 -6.59 12.51
C PRO B 222 -12.56 -5.97 12.22
N SER B 223 -12.31 -4.74 12.67
CA SER B 223 -11.00 -4.13 12.48
C SER B 223 -9.91 -4.84 13.27
N LEU B 224 -10.27 -5.55 14.34
CA LEU B 224 -9.29 -6.25 15.16
C LEU B 224 -8.68 -7.44 14.42
N GLU B 225 -9.26 -7.87 13.30
CA GLU B 225 -8.64 -8.89 12.47
C GLU B 225 -7.61 -8.31 11.51
N LYS B 226 -7.55 -6.99 11.38
CA LYS B 226 -6.74 -6.34 10.35
C LYS B 226 -5.46 -5.77 10.95
N ASN B 227 -4.59 -5.27 10.08
CA ASN B 227 -3.33 -4.67 10.49
C ASN B 227 -3.39 -3.16 10.37
N THR B 228 -2.29 -2.51 10.75
CA THR B 228 -2.26 -1.05 10.89
C THR B 228 -2.57 -0.37 9.56
N SER B 229 -2.03 -0.88 8.46
CA SER B 229 -2.23 -0.24 7.17
C SER B 229 -3.70 -0.23 6.78
N ASP B 230 -4.43 -1.32 7.08
CA ASP B 230 -5.84 -1.38 6.72
C ASP B 230 -6.65 -0.38 7.53
N ILE B 231 -6.36 -0.25 8.82
CA ILE B 231 -7.15 0.60 9.70
C ILE B 231 -6.87 2.07 9.42
N GLU B 232 -5.61 2.41 9.16
CA GLU B 232 -5.28 3.78 8.75
C GLU B 232 -6.06 4.16 7.51
N SER B 233 -6.09 3.28 6.51
CA SER B 233 -6.83 3.55 5.28
C SER B 233 -8.33 3.66 5.56
N ALA B 234 -8.85 2.83 6.46
CA ALA B 234 -10.27 2.89 6.78
C ALA B 234 -10.62 4.19 7.48
N PHE B 235 -9.76 4.66 8.39
CA PHE B 235 -10.02 5.95 9.01
C PHE B 235 -10.00 7.07 7.98
N GLY B 236 -9.05 7.04 7.06
CA GLY B 236 -9.01 8.02 5.99
C GLY B 236 -10.21 7.99 5.08
N ASP B 237 -10.96 6.89 5.10
CA ASP B 237 -12.21 6.79 4.35
C ASP B 237 -13.43 7.15 5.19
N GLY B 238 -13.25 7.42 6.48
CA GLY B 238 -14.34 7.87 7.33
C GLY B 238 -15.06 6.79 8.09
N ALA B 239 -14.40 5.68 8.42
CA ALA B 239 -15.08 4.57 9.05
C ALA B 239 -15.16 4.70 10.56
N TYR B 240 -14.29 5.51 11.18
CA TYR B 240 -14.25 5.59 12.63
C TYR B 240 -14.31 7.04 13.09
N ALA B 241 -14.86 7.24 14.30
CA ALA B 241 -14.82 8.56 14.93
C ALA B 241 -13.45 8.86 15.50
N THR B 242 -12.72 7.84 15.96
CA THR B 242 -11.40 8.05 16.52
C THR B 242 -10.51 6.85 16.20
N ALA B 243 -9.20 7.09 16.26
CA ALA B 243 -8.19 6.05 16.09
C ALA B 243 -6.87 6.59 16.63
N PHE B 244 -6.07 5.68 17.22
CA PHE B 244 -4.73 6.00 17.67
C PHE B 244 -3.76 5.68 16.54
N MET B 245 -3.04 6.68 16.04
CA MET B 245 -2.18 6.47 14.88
C MET B 245 -0.94 7.35 14.98
N GLY B 246 0.04 7.03 14.12
CA GLY B 246 1.26 7.79 14.03
C GLY B 246 1.14 8.99 13.11
N PRO B 247 2.13 9.88 13.14
CA PRO B 247 2.04 11.11 12.35
C PRO B 247 2.08 10.90 10.84
N TRP B 248 2.59 9.76 10.37
CA TRP B 248 2.76 9.55 8.94
C TRP B 248 1.45 9.51 8.19
N VAL B 249 0.34 9.23 8.87
CA VAL B 249 -0.95 9.16 8.18
C VAL B 249 -1.34 10.51 7.59
N ILE B 250 -0.80 11.61 8.13
CA ILE B 250 -1.10 12.93 7.59
C ILE B 250 -0.69 12.99 6.13
N SER B 251 0.41 12.32 5.77
CA SER B 251 0.86 12.31 4.38
C SER B 251 -0.20 11.72 3.47
N SER B 252 -0.74 10.56 3.84
CA SER B 252 -1.69 9.87 2.97
C SER B 252 -3.03 10.58 2.91
N TYR B 253 -3.47 11.21 4.01
CA TYR B 253 -4.76 11.89 3.98
C TYR B 253 -4.67 13.20 3.21
N THR B 254 -3.53 13.89 3.29
CA THR B 254 -3.31 15.05 2.44
C THR B 254 -3.30 14.64 0.97
N LYS B 255 -2.60 13.53 0.66
CA LYS B 255 -2.57 13.02 -0.70
C LYS B 255 -3.98 12.65 -1.18
N ASN B 256 -4.77 12.02 -0.31
CA ASN B 256 -6.12 11.63 -0.71
C ASN B 256 -6.95 12.83 -1.12
N LYS B 257 -6.73 13.98 -0.47
CA LYS B 257 -7.46 15.18 -0.83
C LYS B 257 -7.02 15.69 -2.20
N GLU B 258 -5.71 15.73 -2.45
CA GLU B 258 -5.20 16.30 -3.69
C GLU B 258 -5.51 15.40 -4.88
N GLU B 259 -5.66 14.10 -4.66
CA GLU B 259 -5.81 13.15 -5.76
C GLU B 259 -7.26 12.70 -5.97
N ASN B 260 -8.03 12.52 -4.89
CA ASN B 260 -9.37 11.95 -5.00
C ASN B 260 -10.44 12.86 -4.42
N GLY B 261 -10.12 14.11 -4.09
CA GLY B 261 -11.11 14.98 -3.48
C GLY B 261 -11.58 14.53 -2.12
N ASN B 262 -10.83 13.65 -1.46
CA ASN B 262 -11.19 13.17 -0.13
C ASN B 262 -10.89 14.27 0.89
N ASP B 263 -11.93 14.84 1.48
CA ASP B 263 -11.78 15.96 2.41
C ASP B 263 -11.59 15.53 3.85
N LEU B 264 -11.33 14.24 4.10
CA LEU B 264 -11.17 13.76 5.47
C LEU B 264 -10.14 14.58 6.24
N ILE B 265 -9.07 15.00 5.57
CA ILE B 265 -8.00 15.70 6.27
C ILE B 265 -8.51 17.01 6.87
N ASP B 266 -9.53 17.61 6.26
CA ASP B 266 -10.06 18.87 6.77
C ASP B 266 -11.05 18.70 7.92
N LYS B 267 -11.40 17.45 8.27
CA LYS B 267 -12.44 17.20 9.24
C LYS B 267 -11.92 16.52 10.51
N ILE B 268 -10.61 16.51 10.72
CA ILE B 268 -10.05 15.75 11.82
C ILE B 268 -9.21 16.66 12.70
N GLY B 269 -9.11 16.26 13.98
CA GLY B 269 -8.14 16.82 14.89
C GLY B 269 -7.33 15.70 15.50
N VAL B 270 -6.39 16.10 16.35
CA VAL B 270 -5.56 15.14 17.08
C VAL B 270 -5.30 15.70 18.47
N THR B 271 -5.35 14.82 19.46
CA THR B 271 -5.05 15.21 20.84
C THR B 271 -4.19 14.11 21.44
N MET B 272 -3.70 14.37 22.65
CA MET B 272 -2.85 13.39 23.30
C MET B 272 -3.69 12.21 23.81
N VAL B 273 -3.02 11.08 24.00
CA VAL B 273 -3.66 9.89 24.56
C VAL B 273 -4.28 10.28 25.89
N PRO B 274 -5.41 9.68 26.27
CA PRO B 274 -6.03 10.03 27.56
C PRO B 274 -5.15 9.64 28.73
N GLU B 275 -5.38 10.32 29.85
CA GLU B 275 -4.57 10.14 31.05
C GLU B 275 -5.12 9.01 31.90
N GLY B 276 -4.25 8.06 32.22
CA GLY B 276 -4.61 6.95 33.08
C GLY B 276 -4.29 7.22 34.54
N PRO B 277 -4.51 6.24 35.40
CA PRO B 277 -4.32 6.46 36.85
C PRO B 277 -2.86 6.61 37.28
N ALA B 278 -1.91 6.30 36.42
CA ALA B 278 -0.50 6.50 36.75
C ALA B 278 0.01 7.87 36.31
N GLY B 279 -0.82 8.66 35.63
CA GLY B 279 -0.36 9.80 34.86
C GLY B 279 -0.35 9.47 33.38
N ARG B 280 0.01 10.46 32.58
CA ARG B 280 0.00 10.30 31.13
C ARG B 280 1.32 9.71 30.65
N TYR B 281 1.23 8.62 29.89
CA TYR B 281 2.38 8.02 29.22
C TYR B 281 2.02 7.76 27.76
N ALA B 282 3.04 7.84 26.91
CA ALA B 282 2.85 7.64 25.48
C ALA B 282 3.96 6.76 24.94
N PHE B 283 3.65 6.06 23.84
CA PHE B 283 4.65 5.26 23.15
C PHE B 283 5.70 6.17 22.53
N MET B 284 6.97 5.84 22.75
CA MET B 284 8.07 6.52 22.08
C MET B 284 8.77 5.50 21.19
N GLY B 285 8.76 5.75 19.89
CA GLY B 285 9.44 4.89 18.95
C GLY B 285 10.32 5.72 18.04
N GLY B 286 10.63 5.19 16.88
CA GLY B 286 11.47 5.88 15.93
C GLY B 286 12.43 4.90 15.30
N SER B 287 13.37 5.45 14.54
CA SER B 287 14.35 4.65 13.84
C SER B 287 15.73 5.27 14.00
N ASN B 288 16.73 4.41 14.04
CA ASN B 288 18.12 4.82 14.05
C ASN B 288 18.79 4.42 12.74
N LEU B 289 19.97 4.99 12.50
CA LEU B 289 20.83 4.61 11.39
C LEU B 289 22.08 3.95 11.96
N VAL B 290 22.49 2.84 11.32
CA VAL B 290 23.68 2.12 11.73
C VAL B 290 24.57 1.92 10.52
N ILE B 291 25.85 1.68 10.79
CA ILE B 291 26.84 1.36 9.76
C ILE B 291 27.34 -0.06 10.02
N PHE B 292 27.31 -0.89 8.97
CA PHE B 292 27.79 -2.25 9.11
C PHE B 292 29.31 -2.29 9.15
N ASN B 293 29.85 -3.20 9.96
CA ASN B 293 31.29 -3.33 10.09
C ASN B 293 31.94 -3.81 8.80
N SER B 294 31.17 -4.45 7.92
CA SER B 294 31.68 -4.91 6.64
C SER B 294 31.75 -3.82 5.58
N SER B 295 31.31 -2.60 5.90
CA SER B 295 31.36 -1.52 4.94
C SER B 295 32.80 -1.23 4.53
N LYS B 296 33.02 -1.10 3.23
CA LYS B 296 34.34 -0.76 2.69
C LYS B 296 34.54 0.74 2.54
N ASN B 297 33.57 1.57 2.93
CA ASN B 297 33.70 3.01 2.85
C ASN B 297 33.10 3.65 4.11
N LYS B 298 33.68 3.31 5.26
CA LYS B 298 33.13 3.78 6.53
C LYS B 298 33.24 5.29 6.69
N ASP B 299 34.31 5.89 6.16
CA ASP B 299 34.47 7.34 6.29
C ASP B 299 33.33 8.08 5.59
N GLU B 300 33.03 7.69 4.35
CA GLU B 300 31.92 8.32 3.65
C GLU B 300 30.59 7.99 4.30
N ALA B 301 30.42 6.75 4.77
CA ALA B 301 29.18 6.39 5.44
C ALA B 301 28.95 7.25 6.68
N LEU B 302 30.00 7.53 7.43
CA LEU B 302 29.86 8.40 8.59
C LEU B 302 29.52 9.82 8.18
N GLU B 303 30.15 10.32 7.11
CA GLU B 303 29.79 11.64 6.61
C GLU B 303 28.32 11.71 6.25
N LEU B 304 27.78 10.65 5.63
CA LEU B 304 26.36 10.65 5.31
C LEU B 304 25.50 10.64 6.56
N LEU B 305 25.88 9.84 7.56
CA LEU B 305 25.13 9.84 8.81
C LEU B 305 25.13 11.23 9.43
N LYS B 306 26.27 11.92 9.42
CA LYS B 306 26.33 13.27 9.96
C LYS B 306 25.44 14.22 9.17
N PHE B 307 25.33 14.04 7.85
CA PHE B 307 24.43 14.88 7.07
C PHE B 307 22.99 14.66 7.48
N PHE B 308 22.59 13.39 7.66
CA PHE B 308 21.22 13.12 8.07
C PHE B 308 20.91 13.72 9.44
N ALA B 309 21.93 13.99 10.26
CA ALA B 309 21.75 14.65 11.54
C ALA B 309 21.80 16.16 11.44
N SER B 310 22.06 16.71 10.27
CA SER B 310 22.10 18.17 10.12
C SER B 310 20.69 18.74 10.23
N LYS B 311 20.61 19.99 10.66
CA LYS B 311 19.32 20.64 10.83
C LYS B 311 18.49 20.57 9.56
N GLU B 312 19.09 20.90 8.42
CA GLU B 312 18.34 21.03 7.18
C GLU B 312 17.77 19.68 6.73
N ALA B 313 18.57 18.61 6.79
CA ALA B 313 18.08 17.31 6.37
C ALA B 313 17.02 16.77 7.32
N GLN B 314 17.18 17.05 8.63
CA GLN B 314 16.16 16.64 9.59
C GLN B 314 14.83 17.31 9.29
N VAL B 315 14.85 18.61 9.01
CA VAL B 315 13.62 19.32 8.68
C VAL B 315 13.01 18.76 7.41
N GLU B 316 13.83 18.60 6.37
CA GLU B 316 13.30 18.20 5.07
C GLU B 316 12.73 16.79 5.13
N TYR B 317 13.41 15.86 5.81
CA TYR B 317 12.86 14.51 5.90
C TYR B 317 11.59 14.46 6.73
N SER B 318 11.50 15.30 7.77
CA SER B 318 10.26 15.38 8.54
C SER B 318 9.12 15.92 7.69
N LYS B 319 9.42 16.89 6.81
CA LYS B 319 8.39 17.46 5.95
C LYS B 319 7.76 16.39 5.06
N VAL B 320 8.57 15.47 4.53
CA VAL B 320 8.03 14.47 3.62
C VAL B 320 7.47 13.28 4.38
N SER B 321 8.14 12.86 5.45
CA SER B 321 7.73 11.65 6.16
C SER B 321 6.74 11.91 7.28
N LYS B 322 6.69 13.13 7.80
CA LYS B 322 5.91 13.51 8.98
C LYS B 322 6.49 12.91 10.25
N MET B 323 7.62 12.21 10.19
CA MET B 323 8.29 11.80 11.41
C MET B 323 8.85 13.02 12.13
N LEU B 324 9.19 12.84 13.40
CA LEU B 324 9.70 13.95 14.19
C LEU B 324 11.23 13.94 14.21
N PRO B 325 11.87 15.09 14.05
CA PRO B 325 13.33 15.13 14.12
C PRO B 325 13.84 14.80 15.52
N VAL B 326 15.10 14.38 15.57
CA VAL B 326 15.78 14.03 16.81
C VAL B 326 16.85 15.03 17.19
N VAL B 327 17.04 16.08 16.39
CA VAL B 327 18.09 17.08 16.60
C VAL B 327 17.42 18.35 17.10
N LYS B 328 17.97 18.92 18.16
CA LYS B 328 17.32 20.06 18.81
C LYS B 328 17.16 21.23 17.85
N ALA B 329 18.22 21.55 17.10
CA ALA B 329 18.18 22.72 16.23
C ALA B 329 17.10 22.64 15.18
N ALA B 330 16.64 21.43 14.83
CA ALA B 330 15.58 21.31 13.84
C ALA B 330 14.28 21.96 14.30
N TYR B 331 14.09 22.12 15.61
CA TYR B 331 12.88 22.73 16.15
C TYR B 331 12.99 24.24 16.30
N GLU B 332 13.90 24.86 15.56
CA GLU B 332 13.85 26.30 15.35
C GLU B 332 13.05 26.67 14.10
N ASP B 333 12.88 25.71 13.18
CA ASP B 333 12.11 25.94 11.95
C ASP B 333 10.67 26.16 12.39
N PRO B 334 9.81 27.03 11.80
CA PRO B 334 8.45 27.13 12.29
C PRO B 334 7.42 26.23 11.57
N TYR B 335 7.73 24.96 11.33
CA TYR B 335 6.79 23.95 10.77
C TYR B 335 6.38 22.94 11.84
N PHE B 336 7.12 22.94 12.98
CA PHE B 336 6.77 22.18 14.21
C PHE B 336 5.67 22.97 14.93
N GLU B 337 5.39 24.23 14.53
CA GLU B 337 4.20 24.89 15.03
C GLU B 337 2.95 24.10 14.64
N ASP B 338 3.01 23.37 13.52
CA ASP B 338 1.83 22.79 12.87
C ASP B 338 0.91 22.12 13.86
N SER B 339 -0.40 22.21 13.58
CA SER B 339 -1.41 21.78 14.54
C SER B 339 -1.29 20.30 14.84
N LEU B 340 -1.37 19.47 13.81
CA LEU B 340 -1.30 18.02 14.04
C LEU B 340 0.08 17.63 14.55
N MET B 341 1.13 18.14 13.92
CA MET B 341 2.49 17.71 14.27
C MET B 341 2.88 18.18 15.67
N LYS B 342 2.46 19.39 16.05
CA LYS B 342 2.86 19.92 17.36
C LYS B 342 2.37 19.04 18.50
N VAL B 343 1.21 18.41 18.33
CA VAL B 343 0.69 17.51 19.35
C VAL B 343 1.64 16.34 19.55
N PHE B 344 2.11 15.75 18.46
CA PHE B 344 3.02 14.61 18.54
C PHE B 344 4.31 15.00 19.25
N LYS B 345 4.89 16.15 18.88
CA LYS B 345 6.11 16.63 19.51
C LYS B 345 5.90 16.82 21.00
N GLU B 346 4.83 17.53 21.39
CA GLU B 346 4.59 17.79 22.80
C GLU B 346 4.40 16.50 23.57
N GLN B 347 3.71 15.55 22.97
CA GLN B 347 3.41 14.28 23.65
C GLN B 347 4.70 13.48 23.85
N VAL B 348 5.50 13.36 22.81
CA VAL B 348 6.73 12.53 22.87
C VAL B 348 7.74 13.13 23.87
N ASP B 349 7.86 14.44 23.89
CA ASP B 349 8.79 15.16 24.77
C ASP B 349 8.39 14.99 26.22
N LYS B 350 7.14 15.25 26.54
CA LYS B 350 6.68 15.27 27.94
C LYS B 350 6.38 13.88 28.48
N TYR B 351 5.83 12.99 27.67
CA TYR B 351 5.27 11.74 28.18
C TYR B 351 5.79 10.50 27.47
N GLY B 352 6.73 10.65 26.53
CA GLY B 352 7.16 9.52 25.73
C GLY B 352 8.02 8.56 26.52
N LYS B 353 7.67 7.28 26.47
CA LYS B 353 8.41 6.21 27.14
C LYS B 353 8.82 5.18 26.11
N HIS B 354 10.10 4.81 26.13
CA HIS B 354 10.66 3.84 25.21
C HIS B 354 10.93 2.53 25.91
N TYR B 355 10.76 1.43 25.19
CA TYR B 355 11.08 0.12 25.73
C TYR B 355 12.55 0.08 26.17
N ALA B 356 12.84 -0.82 27.10
CA ALA B 356 14.23 -1.08 27.48
C ALA B 356 15.04 -1.49 26.25
N SER B 357 16.24 -0.93 26.12
CA SER B 357 17.08 -1.14 24.94
C SER B 357 17.99 -2.35 25.18
N VAL B 358 17.35 -3.51 25.30
CA VAL B 358 18.07 -4.74 25.59
C VAL B 358 18.16 -5.63 24.35
N PRO B 359 19.21 -6.44 24.22
CA PRO B 359 19.37 -7.22 22.97
C PRO B 359 18.21 -8.16 22.69
N GLY B 360 17.58 -8.70 23.72
CA GLY B 360 16.48 -9.62 23.52
C GLY B 360 15.16 -8.98 23.16
N TRP B 361 15.09 -7.65 23.07
CA TRP B 361 13.80 -7.03 22.87
C TRP B 361 13.24 -7.30 21.48
N ALA B 362 14.10 -7.40 20.46
CA ALA B 362 13.62 -7.69 19.12
C ALA B 362 12.89 -9.04 19.08
N SER B 363 13.49 -10.07 19.69
CA SER B 363 12.83 -11.37 19.75
C SER B 363 11.58 -11.32 20.60
N ALA B 364 11.53 -10.42 21.59
CA ALA B 364 10.32 -10.28 22.39
C ALA B 364 9.16 -9.75 21.57
N GLU B 365 9.43 -8.83 20.63
CA GLU B 365 8.36 -8.30 19.79
C GLU B 365 7.77 -9.39 18.89
N VAL B 366 8.58 -10.37 18.48
CA VAL B 366 8.05 -11.49 17.72
C VAL B 366 7.05 -12.27 18.58
N ILE B 367 7.38 -12.47 19.85
CA ILE B 367 6.48 -13.21 20.74
C ILE B 367 5.26 -12.37 21.08
N PHE B 368 5.45 -11.05 21.25
CA PHE B 368 4.32 -10.17 21.53
C PHE B 368 3.33 -10.16 20.37
N SER B 369 3.82 -10.06 19.15
CA SER B 369 2.94 -10.01 17.98
C SER B 369 1.98 -11.20 17.96
N GLU B 370 2.52 -12.41 18.11
CA GLU B 370 1.69 -13.60 17.98
C GLU B 370 0.95 -13.92 19.28
N GLY B 371 1.49 -13.51 20.42
CA GLY B 371 0.88 -13.84 21.69
C GLY B 371 -0.23 -12.90 22.10
N LEU B 372 0.03 -11.60 22.03
CA LEU B 372 -0.98 -10.62 22.44
C LEU B 372 -2.13 -10.53 21.45
N SER B 373 -1.92 -10.91 20.18
CA SER B 373 -3.02 -10.98 19.24
C SER B 373 -4.06 -12.02 19.64
N LYS B 374 -3.66 -13.00 20.46
CA LYS B 374 -4.63 -13.97 20.95
C LYS B 374 -5.63 -13.34 21.90
N ILE B 375 -5.26 -12.23 22.54
CA ILE B 375 -6.21 -11.50 23.37
C ILE B 375 -7.37 -11.02 22.51
N TRP B 376 -7.07 -10.52 21.30
CA TRP B 376 -8.13 -10.05 20.42
C TRP B 376 -9.00 -11.20 19.91
N ASP B 377 -8.41 -12.39 19.75
CA ASP B 377 -9.22 -13.56 19.40
C ASP B 377 -10.21 -13.89 20.51
N ASN B 378 -9.74 -13.82 21.76
CA ASN B 378 -10.62 -13.98 22.91
C ASN B 378 -11.72 -12.92 22.89
N VAL B 379 -11.35 -11.67 22.66
CA VAL B 379 -12.32 -10.58 22.66
C VAL B 379 -13.33 -10.76 21.53
N MET B 380 -12.87 -11.16 20.35
CA MET B 380 -13.77 -11.34 19.21
C MET B 380 -14.62 -12.60 19.33
N GLU B 381 -14.32 -13.47 20.30
CA GLU B 381 -15.12 -14.67 20.56
C GLU B 381 -15.08 -15.63 19.37
N VAL B 382 -13.92 -15.72 18.73
CA VAL B 382 -13.78 -16.66 17.61
C VAL B 382 -13.83 -18.09 18.12
N ASP B 383 -13.38 -18.33 19.36
CA ASP B 383 -13.30 -19.66 19.93
C ASP B 383 -14.16 -19.78 21.18
N GLY B 384 -15.32 -19.16 21.17
CA GLY B 384 -16.24 -19.21 22.29
C GLY B 384 -16.42 -17.86 22.95
N ALA B 385 -17.16 -17.86 24.05
CA ALA B 385 -17.49 -16.63 24.75
C ALA B 385 -16.23 -15.98 25.30
N TYR B 386 -16.25 -14.65 25.36
CA TYR B 386 -15.14 -13.92 25.94
C TYR B 386 -14.96 -14.29 27.41
N SER B 387 -13.70 -14.39 27.83
CA SER B 387 -13.38 -14.68 29.22
C SER B 387 -12.16 -13.87 29.62
N TYR B 388 -12.31 -13.01 30.63
CA TYR B 388 -11.15 -12.28 31.13
C TYR B 388 -10.08 -13.26 31.62
N ASP B 389 -10.48 -14.37 32.22
CA ASP B 389 -9.52 -15.34 32.73
C ASP B 389 -8.63 -15.87 31.61
N LYS B 390 -9.19 -16.05 30.41
CA LYS B 390 -8.37 -16.49 29.29
C LYS B 390 -7.34 -15.45 28.91
N THR B 391 -7.72 -14.17 28.99
CA THR B 391 -6.74 -13.10 28.77
C THR B 391 -5.61 -13.19 29.78
N VAL B 392 -5.94 -13.41 31.06
CA VAL B 392 -4.91 -13.51 32.08
C VAL B 392 -3.97 -14.67 31.78
N GLN B 393 -4.51 -15.81 31.37
CA GLN B 393 -3.67 -16.96 31.09
C GLN B 393 -2.78 -16.71 29.88
N ILE B 394 -3.30 -16.02 28.86
CA ILE B 394 -2.50 -15.69 27.69
C ILE B 394 -1.33 -14.80 28.10
N VAL B 395 -1.60 -13.79 28.93
CA VAL B 395 -0.54 -12.86 29.33
C VAL B 395 0.53 -13.58 30.14
N LYS B 396 0.11 -14.51 31.00
CA LYS B 396 1.09 -15.27 31.78
C LYS B 396 1.91 -16.19 30.89
N ASP B 397 1.28 -16.79 29.87
CA ASP B 397 2.02 -17.62 28.94
C ASP B 397 3.03 -16.79 28.16
N VAL B 398 2.62 -15.62 27.67
CA VAL B 398 3.53 -14.74 26.93
C VAL B 398 4.66 -14.27 27.85
N GLU B 399 4.34 -13.98 29.10
CA GLU B 399 5.37 -13.54 30.04
C GLU B 399 6.41 -14.62 30.25
N SER B 400 5.98 -15.89 30.33
CA SER B 400 6.93 -16.98 30.51
C SER B 400 7.91 -17.05 29.35
N GLN B 401 7.41 -16.86 28.13
CA GLN B 401 8.28 -16.91 26.95
C GLN B 401 9.24 -15.72 26.94
N ILE B 402 8.76 -14.53 27.31
CA ILE B 402 9.63 -13.37 27.36
C ILE B 402 10.74 -13.57 28.37
N ASN B 403 10.41 -14.14 29.52
CA ASN B 403 11.42 -14.37 30.56
C ASN B 403 12.52 -15.29 30.07
N GLN B 404 12.18 -16.28 29.25
CA GLN B 404 13.20 -17.20 28.76
C GLN B 404 14.12 -16.50 27.77
N ILE B 405 13.57 -15.63 26.93
CA ILE B 405 14.39 -14.85 26.01
C ILE B 405 15.36 -13.96 26.78
N LEU B 406 14.84 -13.24 27.79
CA LEU B 406 15.71 -12.35 28.56
C LEU B 406 16.81 -13.12 29.28
N GLN B 407 16.53 -14.35 29.72
CA GLN B 407 17.53 -15.12 30.44
C GLN B 407 18.65 -15.60 29.55
N GLU B 408 18.56 -15.43 28.23
CA GLU B 408 19.66 -15.80 27.35
C GLU B 408 20.80 -14.79 27.40
N THR B 409 20.53 -13.55 27.77
CA THR B 409 21.55 -12.51 27.85
C THR B 409 22.35 -12.62 29.14
#